data_5VBA
#
_entry.id   5VBA
#
_cell.length_a   64.140
_cell.length_b   81.690
_cell.length_c   160.020
_cell.angle_alpha   90.00
_cell.angle_beta   90.00
_cell.angle_gamma   90.00
#
_symmetry.space_group_name_H-M   'P 21 21 21'
#
loop_
_entity.id
_entity.type
_entity.pdbx_description
1 polymer 'Lysozyme, ESX-1 secretion-associated protein EspG1 chimera'
2 non-polymer 'CHLORIDE ION'
3 water water
#
_entity_poly.entity_id   1
_entity_poly.type   'polypeptide(L)'
_entity_poly.pdbx_seq_one_letter_code
;MGSSHHHHHHSSGENLYFQGNIFEMLRIDEGLRLKIYKDTEGYYTIGIGHLLTKSPSLNAAKSELDKAIGRNTNGVITKD
EAEKLFNQDVDAAVRGILRNAKLKPVYDSLDAVRRAALINMVFQMGETGVAGFTNSLRMLQQKRWDEAAVNLAKSRWYNQ
TPNRAKRVITTFRTGTWDAYAMVGVEVTIDGMLVLADRLHLVDFPVALGIRPNIPQDDLREIVWDQVRRDLTAQGVLDHN
GYPHPTVASMVDTLSRPDRTLEARWWRRDVGGVMVRFVVARKDDRHVIAVRNGDLLVLQLVAPQVGLAGMVTAVLGTADP
ASVEPLTGIASELAEATTAAQLTRYGLAPTAARIYTEIVSNPDSWVEIVASQRHPGGTTTHTKAAAGVLDSAHGRVVSLP
RIVSGELYGSFLPGTPQNLQLALDALVELLPAGSWLD
;
_entity_poly.pdbx_strand_id   A,B
#
loop_
_chem_comp.id
_chem_comp.type
_chem_comp.name
_chem_comp.formula
CL non-polymer 'CHLORIDE ION' 'Cl -1'
#
# COMPACT_ATOMS: atom_id res chain seq x y z
N GLU A 14 -3.12 10.63 15.96
CA GLU A 14 -2.71 10.57 14.56
C GLU A 14 -3.04 9.19 13.96
N ASN A 15 -2.90 9.07 12.64
CA ASN A 15 -3.10 7.80 11.92
C ASN A 15 -4.48 7.19 12.20
N LEU A 16 -5.52 7.94 11.84
CA LEU A 16 -6.88 7.45 11.98
C LEU A 16 -7.33 6.58 10.80
N TYR A 17 -6.64 6.63 9.66
CA TYR A 17 -6.92 5.79 8.51
C TYR A 17 -5.72 4.87 8.31
N PHE A 18 -5.82 3.64 8.82
CA PHE A 18 -4.69 2.72 8.78
C PHE A 18 -4.61 2.05 7.41
N GLN A 19 -3.49 2.26 6.72
CA GLN A 19 -3.30 1.77 5.36
C GLN A 19 -2.51 0.46 5.39
N GLY A 20 -3.19 -0.62 5.00
CA GLY A 20 -2.53 -1.89 4.76
C GLY A 20 -2.55 -2.25 3.28
N ASN A 21 -1.98 -3.43 3.00
CA ASN A 21 -1.99 -3.99 1.65
C ASN A 21 -1.74 -5.49 1.76
N ILE A 22 -2.02 -6.20 0.68
CA ILE A 22 -2.04 -7.67 0.75
C ILE A 22 -0.65 -8.21 1.04
N PHE A 23 0.41 -7.54 0.57
CA PHE A 23 1.75 -8.05 0.80
C PHE A 23 2.14 -7.96 2.27
N GLU A 24 1.88 -6.82 2.91
CA GLU A 24 2.21 -6.69 4.34
C GLU A 24 1.38 -7.67 5.17
N MET A 25 0.12 -7.86 4.80
CA MET A 25 -0.73 -8.82 5.49
C MET A 25 -0.11 -10.21 5.50
N LEU A 26 0.33 -10.69 4.34
CA LEU A 26 0.81 -12.06 4.25
C LEU A 26 2.26 -12.18 4.71
N ARG A 27 3.04 -11.11 4.57
CA ARG A 27 4.35 -11.05 5.22
C ARG A 27 4.22 -11.34 6.71
N ILE A 28 3.18 -10.82 7.36
CA ILE A 28 2.98 -11.02 8.78
C ILE A 28 2.46 -12.42 9.06
N ASP A 29 1.45 -12.86 8.30
CA ASP A 29 0.79 -14.12 8.60
C ASP A 29 1.61 -15.32 8.14
N GLU A 30 2.08 -15.32 6.88
CA GLU A 30 2.89 -16.43 6.37
C GLU A 30 4.36 -16.30 6.78
N GLY A 31 4.87 -15.08 6.87
CA GLY A 31 6.27 -14.88 7.15
C GLY A 31 7.07 -14.70 5.87
N LEU A 32 7.92 -13.69 5.83
CA LEU A 32 8.80 -13.47 4.70
C LEU A 32 10.13 -14.15 4.96
N ARG A 33 10.55 -14.99 4.04
CA ARG A 33 11.84 -15.67 4.11
C ARG A 33 12.66 -15.22 2.91
N LEU A 34 13.84 -14.69 3.17
CA LEU A 34 14.78 -14.25 2.16
C LEU A 34 15.80 -15.32 1.80
N LYS A 35 15.80 -16.43 2.53
CA LYS A 35 16.71 -17.54 2.32
C LYS A 35 15.91 -18.79 1.99
N ILE A 36 16.46 -19.62 1.10
CA ILE A 36 15.78 -20.83 0.69
C ILE A 36 15.38 -21.61 1.94
N TYR A 37 14.18 -22.17 1.88
CA TYR A 37 13.53 -22.78 3.03
C TYR A 37 12.86 -24.09 2.65
N LYS A 38 12.67 -24.94 3.66
CA LYS A 38 12.08 -26.27 3.52
C LYS A 38 10.80 -26.32 4.35
N ASP A 39 9.65 -26.41 3.69
CA ASP A 39 8.39 -26.52 4.41
C ASP A 39 8.25 -27.94 4.98
N THR A 40 7.13 -28.22 5.65
CA THR A 40 6.97 -29.51 6.31
C THR A 40 6.97 -30.65 5.29
N GLU A 41 6.35 -30.43 4.13
CA GLU A 41 6.28 -31.42 3.07
C GLU A 41 7.62 -31.68 2.38
N GLY A 42 8.70 -31.01 2.79
CA GLY A 42 10.00 -31.23 2.19
C GLY A 42 10.29 -30.40 0.96
N TYR A 43 9.35 -29.57 0.52
CA TYR A 43 9.53 -28.77 -0.68
C TYR A 43 10.35 -27.52 -0.35
N TYR A 44 11.23 -27.15 -1.26
CA TYR A 44 12.05 -25.97 -1.07
C TYR A 44 11.27 -24.73 -1.46
N THR A 45 11.38 -23.69 -0.62
CA THR A 45 10.53 -22.50 -0.73
C THR A 45 11.36 -21.27 -0.41
N ILE A 46 10.92 -20.13 -0.94
CA ILE A 46 11.53 -18.84 -0.63
C ILE A 46 10.44 -17.77 -0.68
N GLY A 47 10.76 -16.57 -0.19
CA GLY A 47 9.80 -15.50 -0.19
C GLY A 47 8.65 -15.80 0.76
N ILE A 48 7.44 -15.50 0.31
CA ILE A 48 6.24 -15.79 1.08
C ILE A 48 5.62 -17.05 0.47
N GLY A 49 6.12 -18.21 0.89
CA GLY A 49 5.55 -19.47 0.41
C GLY A 49 5.57 -19.64 -1.09
N HIS A 50 6.57 -19.08 -1.77
CA HIS A 50 6.74 -19.30 -3.21
C HIS A 50 7.44 -20.64 -3.42
N LEU A 51 6.72 -21.61 -3.95
CA LEU A 51 7.27 -22.95 -4.16
C LEU A 51 8.33 -22.93 -5.26
N LEU A 52 9.54 -23.34 -4.92
CA LEU A 52 10.66 -23.38 -5.86
C LEU A 52 10.73 -24.71 -6.60
N THR A 53 10.62 -25.82 -5.88
CA THR A 53 10.69 -27.13 -6.51
C THR A 53 10.09 -28.17 -5.57
N LYS A 54 9.60 -29.26 -6.16
CA LYS A 54 9.13 -30.41 -5.41
C LYS A 54 10.25 -31.40 -5.09
N SER A 55 11.39 -31.27 -5.74
CA SER A 55 12.46 -32.25 -5.62
C SER A 55 12.91 -32.38 -4.17
N PRO A 56 13.30 -33.59 -3.74
CA PRO A 56 13.91 -33.72 -2.41
C PRO A 56 15.34 -33.18 -2.35
N SER A 57 15.77 -32.50 -3.41
CA SER A 57 17.13 -32.00 -3.55
C SER A 57 17.22 -30.49 -3.36
N LEU A 58 18.28 -30.05 -2.68
CA LEU A 58 18.53 -28.63 -2.48
C LEU A 58 19.00 -27.94 -3.76
N ASN A 59 19.90 -28.57 -4.51
CA ASN A 59 20.50 -27.89 -5.66
C ASN A 59 19.47 -27.59 -6.74
N ALA A 60 18.47 -28.45 -6.92
CA ALA A 60 17.40 -28.14 -7.86
C ALA A 60 16.73 -26.82 -7.52
N ALA A 61 16.56 -26.55 -6.22
CA ALA A 61 15.92 -25.30 -5.79
C ALA A 61 16.77 -24.09 -6.14
N LYS A 62 18.08 -24.15 -5.90
CA LYS A 62 18.94 -23.04 -6.27
C LYS A 62 18.89 -22.77 -7.77
N SER A 63 18.73 -23.81 -8.58
CA SER A 63 18.59 -23.63 -10.02
C SER A 63 17.31 -22.88 -10.36
N GLU A 64 16.18 -23.31 -9.78
CA GLU A 64 14.90 -22.69 -10.11
C GLU A 64 14.84 -21.24 -9.62
N LEU A 65 15.43 -20.94 -8.47
CA LEU A 65 15.39 -19.58 -7.95
C LEU A 65 16.13 -18.62 -8.86
N ASP A 66 17.29 -19.02 -9.38
CA ASP A 66 18.03 -18.15 -10.28
C ASP A 66 17.28 -17.86 -11.56
N LYS A 67 16.49 -18.83 -12.07
CA LYS A 67 15.68 -18.58 -13.25
C LYS A 67 14.63 -17.51 -12.97
N ALA A 68 13.88 -17.64 -11.87
CA ALA A 68 12.81 -16.71 -11.58
C ALA A 68 13.32 -15.30 -11.32
N ILE A 69 14.55 -15.16 -10.85
CA ILE A 69 15.08 -13.85 -10.48
C ILE A 69 15.92 -13.24 -11.59
N GLY A 70 16.46 -14.03 -12.51
CA GLY A 70 17.36 -13.48 -13.50
C GLY A 70 18.67 -13.03 -12.89
N ARG A 71 19.22 -13.82 -11.97
CA ARG A 71 20.41 -13.44 -11.23
C ARG A 71 20.93 -14.69 -10.51
N ASN A 72 22.24 -14.73 -10.30
CA ASN A 72 22.87 -15.78 -9.52
C ASN A 72 22.83 -15.36 -8.06
N THR A 73 21.98 -16.02 -7.26
CA THR A 73 21.59 -15.51 -5.96
C THR A 73 22.18 -16.29 -4.78
N ASN A 74 22.56 -17.54 -4.97
CA ASN A 74 23.03 -18.39 -3.86
C ASN A 74 21.96 -18.53 -2.77
N GLY A 75 20.70 -18.66 -3.21
CA GLY A 75 19.61 -18.94 -2.28
C GLY A 75 19.20 -17.77 -1.40
N VAL A 76 19.53 -16.54 -1.80
CA VAL A 76 19.25 -15.35 -1.01
C VAL A 76 18.68 -14.27 -1.91
N ILE A 77 17.50 -13.74 -1.55
CA ILE A 77 16.83 -12.71 -2.32
C ILE A 77 16.61 -11.48 -1.44
N THR A 78 16.24 -10.38 -2.08
CA THR A 78 15.87 -9.18 -1.36
C THR A 78 14.36 -9.14 -1.16
N LYS A 79 13.91 -8.15 -0.39
CA LYS A 79 12.48 -8.02 -0.13
C LYS A 79 11.74 -7.67 -1.41
N ASP A 80 12.32 -6.80 -2.24
CA ASP A 80 11.69 -6.45 -3.51
C ASP A 80 11.54 -7.68 -4.40
N GLU A 81 12.57 -8.54 -4.46
CA GLU A 81 12.47 -9.74 -5.28
C GLU A 81 11.40 -10.67 -4.75
N ALA A 82 11.32 -10.84 -3.43
CA ALA A 82 10.26 -11.66 -2.85
C ALA A 82 8.89 -11.09 -3.17
N GLU A 83 8.77 -9.76 -3.25
CA GLU A 83 7.48 -9.18 -3.61
C GLU A 83 7.10 -9.54 -5.04
N LYS A 84 8.07 -9.58 -5.96
CA LYS A 84 7.76 -9.98 -7.33
C LYS A 84 7.14 -11.37 -7.37
N LEU A 85 7.83 -12.35 -6.75
CA LEU A 85 7.32 -13.71 -6.67
C LEU A 85 5.94 -13.76 -6.01
N PHE A 86 5.76 -12.98 -4.93
CA PHE A 86 4.48 -12.95 -4.25
C PHE A 86 3.36 -12.48 -5.19
N ASN A 87 3.63 -11.47 -6.02
CA ASN A 87 2.61 -10.99 -6.94
C ASN A 87 2.18 -12.07 -7.92
N GLN A 88 3.13 -12.87 -8.42
CA GLN A 88 2.78 -14.00 -9.29
C GLN A 88 1.90 -15.01 -8.55
N ASP A 89 2.24 -15.30 -7.30
CA ASP A 89 1.42 -16.24 -6.53
C ASP A 89 0.03 -15.67 -6.28
N VAL A 90 -0.10 -14.36 -6.02
CA VAL A 90 -1.43 -13.78 -5.85
C VAL A 90 -2.25 -13.91 -7.12
N ASP A 91 -1.64 -13.61 -8.28
CA ASP A 91 -2.32 -13.82 -9.55
C ASP A 91 -2.78 -15.27 -9.69
N ALA A 92 -1.86 -16.21 -9.45
CA ALA A 92 -2.19 -17.63 -9.57
C ALA A 92 -3.34 -17.99 -8.65
N ALA A 93 -3.36 -17.44 -7.43
CA ALA A 93 -4.42 -17.74 -6.48
C ALA A 93 -5.74 -17.11 -6.91
N VAL A 94 -5.69 -15.87 -7.40
CA VAL A 94 -6.91 -15.23 -7.89
C VAL A 94 -7.39 -15.92 -9.16
N ARG A 95 -6.46 -16.25 -10.07
CA ARG A 95 -6.83 -17.00 -11.26
C ARG A 95 -7.53 -18.31 -10.87
N GLY A 96 -7.01 -19.00 -9.86
CA GLY A 96 -7.66 -20.22 -9.38
C GLY A 96 -9.04 -19.95 -8.78
N ILE A 97 -9.17 -18.88 -8.00
CA ILE A 97 -10.45 -18.55 -7.39
C ILE A 97 -11.50 -18.27 -8.46
N LEU A 98 -11.15 -17.46 -9.46
CA LEU A 98 -12.09 -17.07 -10.50
C LEU A 98 -12.53 -18.23 -11.39
N ARG A 99 -11.82 -19.36 -11.36
CA ARG A 99 -12.18 -20.53 -12.15
C ARG A 99 -12.79 -21.63 -11.29
N ASN A 100 -13.07 -21.33 -10.03
CA ASN A 100 -13.68 -22.27 -9.09
C ASN A 100 -15.10 -21.78 -8.80
N ALA A 101 -16.09 -22.53 -9.27
CA ALA A 101 -17.49 -22.08 -9.16
C ALA A 101 -17.93 -21.91 -7.72
N LYS A 102 -17.23 -22.51 -6.76
CA LYS A 102 -17.58 -22.34 -5.36
C LYS A 102 -17.02 -21.05 -4.77
N LEU A 103 -15.97 -20.49 -5.36
CA LEU A 103 -15.32 -19.31 -4.81
C LEU A 103 -15.51 -18.06 -5.64
N LYS A 104 -15.69 -18.19 -6.96
CA LYS A 104 -15.82 -17.00 -7.80
C LYS A 104 -16.97 -16.11 -7.37
N PRO A 105 -18.17 -16.63 -7.10
CA PRO A 105 -19.27 -15.71 -6.73
C PRO A 105 -18.97 -14.92 -5.47
N VAL A 106 -18.35 -15.54 -4.47
CA VAL A 106 -18.07 -14.85 -3.22
C VAL A 106 -16.97 -13.82 -3.43
N TYR A 107 -15.92 -14.21 -4.17
CA TYR A 107 -14.82 -13.29 -4.46
C TYR A 107 -15.30 -12.06 -5.21
N ASP A 108 -16.14 -12.26 -6.23
CA ASP A 108 -16.65 -11.12 -7.00
C ASP A 108 -17.40 -10.13 -6.12
N SER A 109 -18.10 -10.61 -5.10
CA SER A 109 -18.93 -9.72 -4.28
C SER A 109 -18.14 -8.96 -3.24
N LEU A 110 -16.94 -9.41 -2.90
CA LEU A 110 -16.20 -8.86 -1.79
C LEU A 110 -15.39 -7.63 -2.22
N ASP A 111 -15.23 -6.71 -1.26
CA ASP A 111 -14.34 -5.57 -1.40
C ASP A 111 -12.88 -6.03 -1.41
N ALA A 112 -11.98 -5.10 -1.74
CA ALA A 112 -10.59 -5.48 -1.95
C ALA A 112 -9.97 -6.04 -0.68
N VAL A 113 -10.31 -5.47 0.49
CA VAL A 113 -9.71 -5.92 1.73
C VAL A 113 -10.18 -7.34 2.06
N ARG A 114 -11.49 -7.58 1.97
CA ARG A 114 -12.01 -8.92 2.23
C ARG A 114 -11.56 -9.91 1.17
N ARG A 115 -11.29 -9.45 -0.06
CA ARG A 115 -10.68 -10.32 -1.06
C ARG A 115 -9.28 -10.74 -0.63
N ALA A 116 -8.51 -9.79 -0.08
CA ALA A 116 -7.19 -10.13 0.44
C ALA A 116 -7.28 -11.16 1.56
N ALA A 117 -8.28 -11.03 2.44
CA ALA A 117 -8.47 -12.01 3.50
C ALA A 117 -8.73 -13.40 2.91
N LEU A 118 -9.53 -13.45 1.84
CA LEU A 118 -9.82 -14.74 1.19
C LEU A 118 -8.58 -15.29 0.51
N ILE A 119 -7.84 -14.45 -0.23
CA ILE A 119 -6.56 -14.87 -0.77
C ILE A 119 -5.64 -15.37 0.33
N ASN A 120 -5.74 -14.75 1.51
CA ASN A 120 -4.92 -15.15 2.65
C ASN A 120 -5.19 -16.60 3.03
N MET A 121 -6.46 -16.99 3.06
CA MET A 121 -6.81 -18.35 3.43
C MET A 121 -6.33 -19.36 2.38
N VAL A 122 -6.47 -19.02 1.09
CA VAL A 122 -6.01 -19.92 0.03
C VAL A 122 -4.52 -20.17 0.17
N PHE A 123 -3.75 -19.10 0.40
CA PHE A 123 -2.31 -19.26 0.61
C PHE A 123 -2.03 -20.29 1.70
N GLN A 124 -2.83 -20.30 2.76
CA GLN A 124 -2.55 -21.16 3.91
C GLN A 124 -3.01 -22.60 3.66
N MET A 125 -4.26 -22.78 3.27
CA MET A 125 -4.88 -24.11 3.23
C MET A 125 -5.29 -24.55 1.84
N GLY A 126 -5.08 -23.74 0.82
CA GLY A 126 -5.35 -24.15 -0.55
C GLY A 126 -6.78 -23.85 -1.00
N GLU A 127 -6.93 -23.81 -2.31
CA GLU A 127 -8.22 -23.44 -2.92
C GLU A 127 -9.32 -24.40 -2.50
N THR A 128 -9.03 -25.69 -2.44
CA THR A 128 -10.05 -26.67 -2.07
C THR A 128 -10.44 -26.51 -0.59
N GLY A 129 -9.45 -26.32 0.28
CA GLY A 129 -9.76 -26.14 1.70
C GLY A 129 -10.65 -24.95 1.96
N VAL A 130 -10.43 -23.85 1.24
CA VAL A 130 -11.24 -22.66 1.44
C VAL A 130 -12.67 -22.90 0.99
N ALA A 131 -12.85 -23.58 -0.14
CA ALA A 131 -14.20 -23.90 -0.60
C ALA A 131 -14.95 -24.79 0.37
N GLY A 132 -14.26 -25.42 1.32
CA GLY A 132 -14.90 -26.22 2.35
C GLY A 132 -15.60 -25.42 3.43
N PHE A 133 -15.37 -24.10 3.46
CA PHE A 133 -16.08 -23.21 4.39
C PHE A 133 -17.37 -22.72 3.73
N THR A 134 -18.21 -23.68 3.36
CA THR A 134 -19.38 -23.39 2.54
C THR A 134 -20.33 -22.43 3.24
N ASN A 135 -20.53 -22.60 4.56
CA ASN A 135 -21.45 -21.73 5.28
C ASN A 135 -20.91 -20.31 5.36
N SER A 136 -19.67 -20.15 5.82
CA SER A 136 -19.11 -18.81 5.94
C SER A 136 -19.05 -18.09 4.61
N LEU A 137 -18.82 -18.83 3.51
CA LEU A 137 -18.70 -18.22 2.20
C LEU A 137 -20.02 -17.60 1.75
N ARG A 138 -21.15 -18.24 2.07
CA ARG A 138 -22.45 -17.65 1.73
C ARG A 138 -22.76 -16.45 2.62
N MET A 139 -22.36 -16.49 3.88
CA MET A 139 -22.55 -15.36 4.78
C MET A 139 -21.78 -14.14 4.27
N LEU A 140 -20.53 -14.35 3.84
CA LEU A 140 -19.75 -13.25 3.26
C LEU A 140 -20.42 -12.69 2.02
N GLN A 141 -20.97 -13.58 1.17
CA GLN A 141 -21.64 -13.11 -0.03
C GLN A 141 -22.88 -12.29 0.29
N GLN A 142 -23.53 -12.59 1.42
CA GLN A 142 -24.71 -11.86 1.86
C GLN A 142 -24.36 -10.69 2.78
N LYS A 143 -23.07 -10.41 2.96
CA LYS A 143 -22.61 -9.26 3.74
C LYS A 143 -23.02 -9.38 5.21
N ARG A 144 -23.16 -10.61 5.68
CA ARG A 144 -23.43 -10.87 7.10
C ARG A 144 -22.09 -11.06 7.82
N TRP A 145 -21.40 -9.93 7.98
CA TRP A 145 -20.02 -9.95 8.46
C TRP A 145 -19.93 -10.60 9.84
N ASP A 146 -20.79 -10.17 10.78
CA ASP A 146 -20.70 -10.68 12.14
C ASP A 146 -20.95 -12.18 12.19
N GLU A 147 -21.90 -12.68 11.40
CA GLU A 147 -22.19 -14.12 11.42
C GLU A 147 -21.04 -14.92 10.84
N ALA A 148 -20.47 -14.46 9.72
CA ALA A 148 -19.34 -15.17 9.13
C ALA A 148 -18.17 -15.22 10.11
N ALA A 149 -17.91 -14.12 10.80
CA ALA A 149 -16.79 -14.09 11.74
C ALA A 149 -16.99 -15.12 12.85
N VAL A 150 -18.20 -15.16 13.43
CA VAL A 150 -18.50 -16.17 14.45
C VAL A 150 -18.35 -17.57 13.89
N ASN A 151 -18.93 -17.81 12.70
CA ASN A 151 -18.92 -19.15 12.14
C ASN A 151 -17.50 -19.62 11.82
N LEU A 152 -16.67 -18.74 11.26
CA LEU A 152 -15.31 -19.13 10.91
C LEU A 152 -14.53 -19.57 12.14
N ALA A 153 -14.81 -18.95 13.28
CA ALA A 153 -14.10 -19.30 14.51
C ALA A 153 -14.43 -20.71 14.98
N LYS A 154 -15.43 -21.36 14.40
CA LYS A 154 -15.81 -22.73 14.76
C LYS A 154 -15.12 -23.79 13.91
N SER A 155 -13.97 -23.47 13.33
CA SER A 155 -13.24 -24.40 12.48
C SER A 155 -12.01 -24.91 13.21
N ARG A 156 -11.47 -26.03 12.72
CA ARG A 156 -10.18 -26.50 13.19
C ARG A 156 -9.08 -25.52 12.79
N TRP A 157 -9.27 -24.83 11.66
CA TRP A 157 -8.33 -23.79 11.26
C TRP A 157 -8.16 -22.75 12.36
N TYR A 158 -9.27 -22.32 12.96
CA TYR A 158 -9.21 -21.30 14.00
C TYR A 158 -8.34 -21.72 15.18
N ASN A 159 -8.45 -22.97 15.63
CA ASN A 159 -7.68 -23.41 16.78
C ASN A 159 -6.27 -23.85 16.40
N GLN A 160 -6.05 -24.27 15.16
CA GLN A 160 -4.72 -24.70 14.72
C GLN A 160 -3.75 -23.53 14.62
N THR A 161 -4.22 -22.39 14.12
CA THR A 161 -3.41 -21.18 13.97
C THR A 161 -4.25 -20.02 14.51
N PRO A 162 -4.29 -19.86 15.84
CA PRO A 162 -5.23 -18.89 16.44
C PRO A 162 -4.94 -17.44 16.08
N ASN A 163 -3.68 -17.02 16.14
CA ASN A 163 -3.36 -15.61 15.88
C ASN A 163 -3.67 -15.22 14.45
N ARG A 164 -3.29 -16.07 13.49
CA ARG A 164 -3.56 -15.75 12.09
C ARG A 164 -5.06 -15.75 11.82
N ALA A 165 -5.77 -16.79 12.25
CA ALA A 165 -7.20 -16.87 11.98
C ALA A 165 -7.95 -15.70 12.59
N LYS A 166 -7.54 -15.25 13.78
CA LYS A 166 -8.18 -14.10 14.41
C LYS A 166 -8.07 -12.86 13.54
N ARG A 167 -6.85 -12.55 13.09
CA ARG A 167 -6.65 -11.40 12.21
C ARG A 167 -7.49 -11.52 10.94
N VAL A 168 -7.44 -12.68 10.28
CA VAL A 168 -8.20 -12.86 9.04
C VAL A 168 -9.69 -12.72 9.31
N ILE A 169 -10.16 -13.30 10.43
CA ILE A 169 -11.59 -13.21 10.74
C ILE A 169 -11.99 -11.78 11.06
N THR A 170 -11.15 -11.07 11.82
CA THR A 170 -11.44 -9.65 12.06
C THR A 170 -11.47 -8.89 10.74
N THR A 171 -10.54 -9.19 9.83
CA THR A 171 -10.55 -8.53 8.53
C THR A 171 -11.82 -8.85 7.76
N PHE A 172 -12.26 -10.12 7.80
CA PHE A 172 -13.55 -10.46 7.18
C PHE A 172 -14.69 -9.69 7.82
N ARG A 173 -14.59 -9.45 9.13
CA ARG A 173 -15.67 -8.76 9.84
C ARG A 173 -15.71 -7.28 9.51
N THR A 174 -14.55 -6.60 9.50
CA THR A 174 -14.50 -5.16 9.34
C THR A 174 -14.20 -4.69 7.91
N GLY A 175 -13.53 -5.50 7.11
CA GLY A 175 -13.06 -5.02 5.82
C GLY A 175 -12.03 -3.91 5.92
N THR A 176 -11.37 -3.77 7.07
CA THR A 176 -10.27 -2.83 7.22
C THR A 176 -9.01 -3.60 7.57
N TRP A 177 -7.89 -2.87 7.65
CA TRP A 177 -6.61 -3.47 7.95
C TRP A 177 -6.24 -3.43 9.42
N ASP A 178 -7.15 -2.96 10.29
CA ASP A 178 -6.80 -2.63 11.66
C ASP A 178 -6.20 -3.82 12.42
N ALA A 179 -6.55 -5.05 12.04
CA ALA A 179 -6.00 -6.21 12.73
C ALA A 179 -4.51 -6.35 12.55
N TYR A 180 -3.92 -5.62 11.60
CA TYR A 180 -2.50 -5.73 11.31
C TYR A 180 -1.70 -4.50 11.76
N ALA A 181 -2.35 -3.58 12.48
CA ALA A 181 -1.66 -2.42 13.03
C ALA A 181 -0.70 -2.83 14.14
N MET A 182 -1.36 -3.77 15.00
CA MET A 182 -0.57 -4.42 16.03
C MET A 182 -0.93 -5.88 16.09
N VAL A 183 0.04 -6.73 15.76
CA VAL A 183 -0.15 -8.17 15.76
C VAL A 183 0.65 -8.74 16.92
N GLY A 184 0.01 -9.59 17.70
CA GLY A 184 0.54 -9.99 18.99
C GLY A 184 0.66 -11.50 19.11
N VAL A 185 1.65 -11.92 19.88
CA VAL A 185 1.78 -13.30 20.32
C VAL A 185 2.04 -13.29 21.82
N GLU A 186 1.58 -14.33 22.50
CA GLU A 186 1.73 -14.45 23.93
C GLU A 186 2.53 -15.70 24.23
N VAL A 187 3.59 -15.55 25.01
CA VAL A 187 4.49 -16.65 25.34
C VAL A 187 4.84 -16.57 26.82
N THR A 188 5.13 -17.71 27.42
CA THR A 188 5.64 -17.73 28.77
C THR A 188 7.09 -17.29 28.76
N ILE A 189 7.60 -16.93 29.95
CA ILE A 189 8.99 -16.52 30.06
C ILE A 189 9.92 -17.61 29.55
N ASP A 190 9.56 -18.88 29.75
CA ASP A 190 10.38 -19.97 29.23
C ASP A 190 10.28 -20.06 27.71
N GLY A 191 9.08 -19.92 27.15
CA GLY A 191 8.95 -19.89 25.70
C GLY A 191 9.81 -18.79 25.09
N MET A 192 9.86 -17.64 25.75
CA MET A 192 10.69 -16.54 25.29
C MET A 192 12.17 -16.94 25.32
N LEU A 193 12.60 -17.61 26.39
CA LEU A 193 13.98 -18.06 26.46
C LEU A 193 14.29 -19.08 25.37
N VAL A 194 13.34 -19.97 25.07
CA VAL A 194 13.55 -20.95 24.00
C VAL A 194 13.73 -20.25 22.67
N LEU A 195 12.90 -19.23 22.40
CA LEU A 195 13.01 -18.47 21.16
C LEU A 195 14.36 -17.76 21.08
N ALA A 196 14.75 -17.07 22.16
CA ALA A 196 16.02 -16.36 22.17
C ALA A 196 17.19 -17.32 21.98
N ASP A 197 17.17 -18.47 22.66
CA ASP A 197 18.21 -19.47 22.48
C ASP A 197 18.31 -19.89 21.01
N ARG A 198 17.18 -20.14 20.37
CA ARG A 198 17.17 -20.54 18.96
C ARG A 198 17.69 -19.44 18.02
N LEU A 199 17.59 -18.17 18.43
CA LEU A 199 17.92 -17.06 17.55
C LEU A 199 19.24 -16.37 17.90
N HIS A 200 20.01 -16.89 18.84
CA HIS A 200 21.28 -16.26 19.23
C HIS A 200 21.06 -14.85 19.78
N LEU A 201 20.12 -14.71 20.70
CA LEU A 201 19.76 -13.40 21.21
C LEU A 201 20.02 -13.32 22.70
N VAL A 202 20.71 -12.25 23.10
CA VAL A 202 20.91 -11.85 24.47
C VAL A 202 20.73 -10.33 24.53
N ASP A 203 20.92 -9.75 25.71
CA ASP A 203 20.89 -8.30 25.87
C ASP A 203 19.47 -7.75 25.65
N PHE A 204 18.51 -8.39 26.32
CA PHE A 204 17.16 -7.86 26.34
C PHE A 204 17.04 -6.75 27.38
N PRO A 205 16.07 -5.83 27.21
CA PRO A 205 15.85 -4.79 28.21
C PRO A 205 15.68 -5.36 29.61
N VAL A 206 16.49 -4.91 30.56
CA VAL A 206 16.46 -5.44 31.91
C VAL A 206 15.07 -5.33 32.51
N ALA A 207 14.30 -4.32 32.10
CA ALA A 207 12.96 -4.12 32.65
C ALA A 207 12.04 -5.31 32.41
N LEU A 208 12.32 -6.16 31.43
CA LEU A 208 11.49 -7.33 31.16
C LEU A 208 11.92 -8.56 31.94
N GLY A 209 13.06 -8.52 32.62
CA GLY A 209 13.49 -9.62 33.46
C GLY A 209 13.58 -10.93 32.73
N ILE A 210 14.26 -10.94 31.59
CA ILE A 210 14.49 -12.15 30.81
C ILE A 210 15.94 -12.55 31.05
N ARG A 211 16.15 -13.53 31.92
CA ARG A 211 17.47 -13.94 32.37
C ARG A 211 17.82 -15.31 31.80
N PRO A 212 19.12 -15.59 31.55
CA PRO A 212 19.52 -16.95 31.18
C PRO A 212 19.33 -17.95 32.33
N ASP A 217 21.18 -27.78 30.89
CA ASP A 217 21.50 -29.12 31.36
C ASP A 217 20.33 -30.07 31.11
N ASP A 218 20.34 -31.21 31.80
CA ASP A 218 19.40 -32.29 31.49
C ASP A 218 17.97 -31.95 31.92
N LEU A 219 17.81 -31.37 33.11
CA LEU A 219 16.47 -31.01 33.57
C LEU A 219 15.89 -29.87 32.75
N ARG A 220 16.71 -28.85 32.45
CA ARG A 220 16.27 -27.78 31.57
C ARG A 220 15.82 -28.31 30.22
N GLU A 221 16.42 -29.43 29.76
CA GLU A 221 16.12 -29.94 28.43
C GLU A 221 14.71 -30.54 28.36
N ILE A 222 14.33 -31.32 29.36
CA ILE A 222 12.98 -31.88 29.34
C ILE A 222 11.96 -30.76 29.52
N VAL A 223 12.33 -29.69 30.23
CA VAL A 223 11.44 -28.54 30.37
C VAL A 223 11.28 -27.83 29.04
N TRP A 224 12.38 -27.62 28.31
CA TRP A 224 12.31 -26.87 27.06
C TRP A 224 11.82 -27.70 25.89
N ASP A 225 11.98 -29.03 25.93
CA ASP A 225 11.42 -29.85 24.86
C ASP A 225 9.90 -29.88 24.92
N GLN A 226 9.32 -29.74 26.12
CA GLN A 226 7.86 -29.59 26.19
C GLN A 226 7.45 -28.21 25.70
N VAL A 227 8.20 -27.18 26.07
CA VAL A 227 7.91 -25.84 25.59
C VAL A 227 8.06 -25.76 24.08
N ARG A 228 9.12 -26.37 23.54
CA ARG A 228 9.30 -26.38 22.09
C ARG A 228 8.15 -27.09 21.41
N ARG A 229 7.71 -28.22 21.97
CA ARG A 229 6.54 -28.91 21.42
C ARG A 229 5.31 -28.01 21.45
N ASP A 230 5.16 -27.24 22.53
CA ASP A 230 4.00 -26.34 22.64
C ASP A 230 4.09 -25.20 21.63
N LEU A 231 5.27 -24.60 21.48
CA LEU A 231 5.43 -23.52 20.51
C LEU A 231 5.18 -24.02 19.09
N THR A 232 5.58 -25.26 18.79
CA THR A 232 5.28 -25.84 17.50
C THR A 232 3.77 -25.98 17.30
N ALA A 233 3.03 -26.28 18.38
CA ALA A 233 1.59 -26.45 18.27
C ALA A 233 0.88 -25.15 17.95
N GLN A 234 1.44 -24.01 18.37
CA GLN A 234 0.86 -22.72 18.05
C GLN A 234 1.32 -22.16 16.72
N GLY A 235 2.25 -22.82 16.05
CA GLY A 235 2.85 -22.25 14.86
C GLY A 235 3.87 -21.18 15.15
N VAL A 236 4.30 -21.04 16.40
CA VAL A 236 5.38 -20.12 16.73
C VAL A 236 6.72 -20.69 16.28
N LEU A 237 6.88 -22.01 16.36
CA LEU A 237 8.04 -22.71 15.82
C LEU A 237 7.61 -23.53 14.61
N ASP A 238 8.47 -23.57 13.59
CA ASP A 238 8.15 -24.29 12.36
C ASP A 238 8.47 -25.78 12.55
N HIS A 239 8.44 -26.54 11.45
CA HIS A 239 8.54 -27.99 11.56
C HIS A 239 9.94 -28.44 12.00
N ASN A 240 10.98 -27.66 11.69
CA ASN A 240 12.34 -27.97 12.13
C ASN A 240 12.71 -27.27 13.42
N GLY A 241 11.76 -26.61 14.08
CA GLY A 241 12.04 -25.94 15.33
C GLY A 241 12.60 -24.55 15.19
N TYR A 242 12.38 -23.87 14.02
CA TYR A 242 12.83 -22.48 13.89
C TYR A 242 11.64 -21.55 14.01
N PRO A 243 11.79 -20.35 14.59
CA PRO A 243 10.60 -19.53 14.82
C PRO A 243 10.00 -19.03 13.52
N HIS A 244 8.70 -18.80 13.58
CA HIS A 244 8.00 -18.11 12.51
C HIS A 244 8.71 -16.79 12.23
N PRO A 245 8.91 -16.40 10.97
CA PRO A 245 9.67 -15.16 10.69
C PRO A 245 9.13 -13.93 11.41
N THR A 246 7.81 -13.84 11.61
CA THR A 246 7.27 -12.68 12.29
C THR A 246 7.59 -12.69 13.77
N VAL A 247 7.47 -13.86 14.41
CA VAL A 247 7.91 -13.97 15.80
C VAL A 247 9.41 -13.72 15.88
N ALA A 248 10.17 -14.27 14.94
CA ALA A 248 11.61 -14.01 14.90
C ALA A 248 11.87 -12.51 14.84
N SER A 249 11.10 -11.78 14.05
CA SER A 249 11.25 -10.33 13.95
C SER A 249 10.96 -9.66 15.30
N MET A 250 9.90 -10.09 15.97
CA MET A 250 9.54 -9.52 17.27
C MET A 250 10.66 -9.70 18.29
N VAL A 251 11.11 -10.94 18.48
CA VAL A 251 12.12 -11.23 19.49
C VAL A 251 13.43 -10.55 19.14
N ASP A 252 13.79 -10.52 17.86
CA ASP A 252 15.05 -9.90 17.46
C ASP A 252 15.02 -8.40 17.77
N THR A 253 13.88 -7.75 17.57
CA THR A 253 13.78 -6.31 17.80
C THR A 253 14.03 -5.96 19.27
N LEU A 254 13.65 -6.86 20.19
CA LEU A 254 13.88 -6.63 21.61
C LEU A 254 15.32 -6.88 22.02
N SER A 255 16.11 -7.56 21.20
CA SER A 255 17.50 -7.85 21.51
C SER A 255 18.36 -6.70 20.97
N ARG A 256 18.99 -5.94 21.87
CA ARG A 256 19.83 -4.81 21.49
C ARG A 256 19.04 -3.80 20.66
N PRO A 257 17.93 -3.27 21.16
CA PRO A 257 17.18 -2.29 20.38
C PRO A 257 17.97 -0.99 20.23
N ASP A 258 17.60 -0.23 19.21
CA ASP A 258 18.20 1.09 19.00
C ASP A 258 17.62 2.11 19.98
N ARG A 259 16.33 2.00 20.26
CA ARG A 259 15.64 2.88 21.21
C ARG A 259 14.66 2.04 22.00
N THR A 260 14.36 2.51 23.22
CA THR A 260 13.30 1.88 24.01
C THR A 260 12.61 2.93 24.87
N LEU A 261 11.31 2.73 25.07
CA LEU A 261 10.58 3.30 26.19
C LEU A 261 10.33 2.19 27.20
N GLU A 262 10.78 2.38 28.43
CA GLU A 262 10.59 1.40 29.51
C GLU A 262 9.71 2.01 30.58
N ALA A 263 8.65 1.30 30.95
CA ALA A 263 7.59 1.85 31.79
C ALA A 263 7.36 0.96 33.00
N ARG A 264 7.07 1.60 34.13
CA ARG A 264 6.56 0.96 35.34
C ARG A 264 5.13 1.42 35.55
N TRP A 265 4.20 0.48 35.68
CA TRP A 265 2.76 0.78 35.64
C TRP A 265 2.08 0.26 36.91
N TRP A 266 1.78 1.17 37.84
CA TRP A 266 1.09 0.82 39.08
C TRP A 266 -0.41 1.05 38.93
N ARG A 267 -1.19 0.04 39.30
CA ARG A 267 -2.65 0.02 39.16
C ARG A 267 -3.29 -0.04 40.54
N ARG A 268 -4.00 1.03 40.93
CA ARG A 268 -4.74 0.99 42.19
C ARG A 268 -5.71 -0.18 42.23
N ASP A 269 -6.28 -0.56 41.07
CA ASP A 269 -7.31 -1.58 41.09
C ASP A 269 -6.76 -2.93 41.52
N VAL A 270 -5.43 -3.07 41.57
CA VAL A 270 -4.80 -4.27 42.08
C VAL A 270 -3.54 -3.86 42.85
N VAL A 273 0.57 -5.16 42.29
CA VAL A 273 1.72 -5.60 41.50
C VAL A 273 1.99 -4.61 40.37
N MET A 274 3.25 -4.25 40.21
CA MET A 274 3.67 -3.34 39.15
C MET A 274 3.90 -4.09 37.85
N VAL A 275 3.24 -3.63 36.79
CA VAL A 275 3.44 -4.19 35.46
C VAL A 275 4.54 -3.40 34.78
N ARG A 276 5.45 -4.11 34.15
CA ARG A 276 6.53 -3.52 33.37
C ARG A 276 6.30 -3.81 31.90
N PHE A 277 6.50 -2.80 31.05
CA PHE A 277 6.40 -3.02 29.62
C PHE A 277 7.36 -2.11 28.88
N VAL A 278 7.66 -2.51 27.65
CA VAL A 278 8.67 -1.87 26.83
C VAL A 278 8.08 -1.58 25.46
N VAL A 279 8.50 -0.45 24.89
CA VAL A 279 8.34 -0.15 23.47
C VAL A 279 9.74 -0.04 22.90
N ALA A 280 10.05 -0.86 21.90
CA ALA A 280 11.40 -0.96 21.39
C ALA A 280 11.43 -0.71 19.90
N ARG A 281 12.44 0.04 19.45
CA ARG A 281 12.68 0.25 18.03
C ARG A 281 14.04 -0.33 17.67
N LYS A 282 14.07 -1.06 16.57
CA LYS A 282 15.32 -1.54 15.97
C LYS A 282 15.15 -1.37 14.47
N ASP A 283 15.96 -0.50 13.87
CA ASP A 283 15.80 -0.13 12.45
C ASP A 283 14.39 0.42 12.27
N ASP A 284 13.54 -0.20 11.44
CA ASP A 284 12.18 0.29 11.20
C ASP A 284 11.11 -0.50 11.96
N ARG A 285 11.50 -1.51 12.73
CA ARG A 285 10.54 -2.32 13.46
C ARG A 285 10.27 -1.77 14.85
N HIS A 286 9.02 -1.84 15.27
CA HIS A 286 8.58 -1.45 16.60
C HIS A 286 7.92 -2.64 17.25
N VAL A 287 8.27 -2.92 18.51
CA VAL A 287 7.69 -4.03 19.25
C VAL A 287 7.26 -3.52 20.63
N ILE A 288 6.04 -3.87 21.03
CA ILE A 288 5.56 -3.66 22.40
C ILE A 288 5.68 -4.97 23.15
N ALA A 289 6.28 -4.91 24.34
CA ALA A 289 6.45 -6.09 25.20
C ALA A 289 5.89 -5.75 26.58
N VAL A 290 4.83 -6.45 26.98
CA VAL A 290 4.22 -6.31 28.30
C VAL A 290 4.45 -7.62 29.06
N ARG A 291 5.04 -7.53 30.25
CA ARG A 291 5.21 -8.70 31.10
C ARG A 291 4.16 -8.72 32.21
N ASN A 292 3.39 -9.80 32.27
CA ASN A 292 2.37 -10.03 33.30
C ASN A 292 2.74 -11.33 34.02
N GLY A 293 3.41 -11.21 35.16
CA GLY A 293 3.86 -12.40 35.85
C GLY A 293 4.87 -13.18 35.05
N ASP A 294 4.58 -14.45 34.78
CA ASP A 294 5.42 -15.28 33.92
C ASP A 294 4.90 -15.34 32.49
N LEU A 295 4.15 -14.34 32.08
CA LEU A 295 3.58 -14.25 30.74
C LEU A 295 4.14 -13.02 30.06
N LEU A 296 4.45 -13.14 28.78
CA LEU A 296 4.98 -12.06 27.97
C LEU A 296 4.11 -11.90 26.74
N VAL A 297 3.58 -10.69 26.53
CA VAL A 297 2.82 -10.36 25.33
C VAL A 297 3.69 -9.48 24.44
N LEU A 298 3.98 -9.98 23.24
CA LEU A 298 4.73 -9.23 22.25
C LEU A 298 3.78 -8.75 21.16
N GLN A 299 3.94 -7.51 20.74
CA GLN A 299 3.17 -6.95 19.63
C GLN A 299 4.12 -6.27 18.66
N LEU A 300 4.13 -6.76 17.41
CA LEU A 300 4.81 -6.06 16.33
C LEU A 300 3.90 -4.96 15.81
N VAL A 301 4.41 -3.73 15.74
CA VAL A 301 3.59 -2.56 15.49
C VAL A 301 3.93 -2.02 14.11
N ALA A 302 2.89 -1.70 13.35
CA ALA A 302 3.08 -1.16 12.01
C ALA A 302 3.69 0.23 12.08
N PRO A 303 4.64 0.56 11.19
CA PRO A 303 5.27 1.88 11.23
C PRO A 303 4.29 3.04 11.32
N GLN A 304 3.11 2.92 10.71
CA GLN A 304 2.15 4.02 10.71
C GLN A 304 1.76 4.46 12.12
N VAL A 305 1.82 3.55 13.10
CA VAL A 305 1.41 3.88 14.46
C VAL A 305 2.48 4.75 15.13
N GLY A 306 2.02 5.68 15.97
CA GLY A 306 2.90 6.55 16.70
C GLY A 306 3.16 6.07 18.12
N LEU A 307 4.22 6.62 18.73
CA LEU A 307 4.58 6.24 20.10
C LEU A 307 3.40 6.40 21.05
N ALA A 308 2.70 7.53 20.97
CA ALA A 308 1.53 7.74 21.82
C ALA A 308 0.51 6.62 21.63
N GLY A 309 0.29 6.19 20.38
CA GLY A 309 -0.64 5.10 20.13
C GLY A 309 -0.18 3.79 20.73
N MET A 310 1.12 3.51 20.66
CA MET A 310 1.64 2.27 21.25
C MET A 310 1.43 2.26 22.75
N VAL A 311 1.76 3.37 23.42
CA VAL A 311 1.54 3.47 24.87
C VAL A 311 0.05 3.39 25.18
N THR A 312 -0.79 4.04 24.36
CA THR A 312 -2.22 3.97 24.59
C THR A 312 -2.73 2.53 24.44
N ALA A 313 -2.15 1.78 23.50
CA ALA A 313 -2.53 0.39 23.31
C ALA A 313 -2.34 -0.43 24.57
N VAL A 314 -1.35 -0.10 25.39
CA VAL A 314 -1.14 -0.83 26.63
C VAL A 314 -2.01 -0.27 27.75
N LEU A 315 -2.09 1.05 27.84
CA LEU A 315 -2.75 1.72 28.96
C LEU A 315 -4.24 1.89 28.75
N GLY A 316 -4.73 1.80 27.51
CA GLY A 316 -6.11 2.10 27.21
C GLY A 316 -6.38 3.59 27.01
N THR A 317 -7.56 3.88 26.50
CA THR A 317 -7.99 5.27 26.36
C THR A 317 -8.61 5.76 27.66
N ALA A 318 -8.57 7.08 27.85
CA ALA A 318 -9.16 7.71 29.01
C ALA A 318 -9.55 9.14 28.65
N ASP A 319 -10.54 9.67 29.35
CA ASP A 319 -10.91 11.05 29.09
C ASP A 319 -9.88 11.99 29.71
N PRO A 320 -9.48 13.05 29.02
CA PRO A 320 -8.52 13.99 29.61
C PRO A 320 -9.16 14.78 30.75
N ALA A 321 -8.40 14.96 31.83
CA ALA A 321 -8.85 15.78 32.95
C ALA A 321 -8.81 17.26 32.60
N SER A 322 -9.96 17.94 32.74
CA SER A 322 -10.07 19.36 32.41
C SER A 322 -9.27 20.15 33.46
N VAL A 323 -7.97 20.29 33.20
CA VAL A 323 -7.08 21.04 34.08
C VAL A 323 -6.30 22.05 33.25
N GLU A 324 -5.72 23.01 33.96
CA GLU A 324 -4.86 24.01 33.35
C GLU A 324 -3.44 23.49 33.37
N PRO A 325 -2.52 24.09 32.62
CA PRO A 325 -1.15 23.57 32.64
C PRO A 325 -0.46 23.96 33.93
N LEU A 326 0.46 23.09 34.36
CA LEU A 326 1.19 23.24 35.61
C LEU A 326 2.67 22.94 35.34
N THR A 327 3.29 23.77 34.51
CA THR A 327 4.65 23.51 34.04
C THR A 327 5.73 24.30 34.78
N GLY A 328 5.39 25.45 35.34
CA GLY A 328 6.36 26.21 36.11
C GLY A 328 6.74 25.50 37.39
N ILE A 329 7.16 24.24 37.27
CA ILE A 329 7.39 23.35 38.40
C ILE A 329 8.83 22.85 38.32
N ALA A 330 9.54 22.90 39.44
CA ALA A 330 10.91 22.40 39.54
C ALA A 330 10.89 21.01 40.15
N SER A 331 11.41 20.04 39.40
CA SER A 331 11.72 18.70 39.91
C SER A 331 10.81 18.26 41.06
N GLU A 332 11.42 17.83 42.18
CA GLU A 332 10.76 17.35 43.39
C GLU A 332 10.04 18.48 44.16
N LEU A 333 10.03 19.71 43.64
CA LEU A 333 9.25 20.78 44.24
C LEU A 333 7.76 20.51 44.09
N ALA A 334 7.37 19.72 43.08
CA ALA A 334 5.98 19.34 42.87
C ALA A 334 5.44 18.47 44.00
N GLU A 335 6.31 17.74 44.68
CA GLU A 335 5.92 16.74 45.66
C GLU A 335 6.00 17.22 47.10
N ALA A 336 6.54 18.41 47.35
CA ALA A 336 6.59 18.95 48.70
C ALA A 336 5.26 19.61 49.06
N GLY A 346 1.00 29.20 41.13
CA GLY A 346 -0.17 30.05 41.32
C GLY A 346 -1.44 29.44 40.77
N LEU A 347 -2.01 28.48 41.50
CA LEU A 347 -3.18 27.78 41.03
C LEU A 347 -4.43 28.22 41.80
N ALA A 348 -5.57 27.82 41.25
CA ALA A 348 -6.88 28.18 41.76
C ALA A 348 -7.30 27.30 42.93
N PRO A 349 -8.34 27.68 43.65
CA PRO A 349 -8.91 26.73 44.63
C PRO A 349 -9.48 25.51 43.92
N THR A 350 -10.26 25.73 42.86
CA THR A 350 -10.80 24.60 42.10
C THR A 350 -9.67 23.81 41.45
N ALA A 351 -8.79 24.49 40.72
CA ALA A 351 -7.66 23.82 40.09
C ALA A 351 -6.74 23.16 41.11
N ALA A 352 -6.74 23.64 42.35
CA ALA A 352 -5.93 23.00 43.38
C ALA A 352 -6.58 21.73 43.91
N ARG A 353 -7.90 21.74 44.11
CA ARG A 353 -8.57 20.54 44.62
C ARG A 353 -8.54 19.41 43.61
N ILE A 354 -8.59 19.72 42.31
CA ILE A 354 -8.53 18.68 41.29
C ILE A 354 -7.17 18.00 41.30
N TYR A 355 -6.11 18.79 41.16
CA TYR A 355 -4.75 18.23 41.12
C TYR A 355 -4.45 17.44 42.39
N THR A 356 -4.87 17.94 43.55
CA THR A 356 -4.61 17.23 44.80
C THR A 356 -5.15 15.81 44.75
N GLU A 357 -6.41 15.65 44.36
CA GLU A 357 -7.02 14.33 44.28
C GLU A 357 -6.29 13.44 43.27
N ILE A 358 -5.83 14.02 42.16
CA ILE A 358 -5.16 13.22 41.13
C ILE A 358 -3.90 12.56 41.68
N VAL A 359 -3.02 13.33 42.31
CA VAL A 359 -1.74 12.79 42.74
C VAL A 359 -1.87 12.05 44.06
N SER A 360 -2.73 12.53 44.97
CA SER A 360 -2.85 11.90 46.27
C SER A 360 -3.40 10.48 46.14
N ASN A 361 -4.50 10.32 45.42
CA ASN A 361 -5.16 9.03 45.25
C ASN A 361 -5.44 8.82 43.76
N PRO A 362 -4.43 8.44 42.98
CA PRO A 362 -4.66 8.10 41.59
C PRO A 362 -5.11 6.66 41.41
N ASP A 363 -5.99 6.46 40.42
CA ASP A 363 -6.39 5.12 40.05
C ASP A 363 -5.24 4.34 39.43
N SER A 364 -4.30 5.05 38.79
CA SER A 364 -3.20 4.41 38.09
C SER A 364 -2.09 5.43 37.88
N TRP A 365 -0.86 4.93 37.85
CA TRP A 365 0.32 5.78 37.77
C TRP A 365 1.37 5.06 36.93
N VAL A 366 1.79 5.69 35.83
CA VAL A 366 2.84 5.15 34.96
C VAL A 366 4.01 6.14 34.93
N GLU A 367 5.22 5.62 35.07
CA GLU A 367 6.43 6.39 34.80
C GLU A 367 7.21 5.69 33.70
N ILE A 368 7.63 6.48 32.71
CA ILE A 368 8.24 5.98 31.49
C ILE A 368 9.60 6.64 31.36
N VAL A 369 10.64 5.82 31.24
CA VAL A 369 11.97 6.31 30.91
C VAL A 369 12.30 5.84 29.50
N ALA A 370 13.28 6.49 28.89
CA ALA A 370 13.70 6.17 27.53
C ALA A 370 15.19 5.86 27.51
N SER A 371 15.61 5.08 26.52
CA SER A 371 17.02 4.73 26.36
C SER A 371 17.37 4.69 24.89
N GLN A 372 18.68 4.73 24.61
CA GLN A 372 19.19 4.61 23.26
C GLN A 372 20.46 3.77 23.29
N ARG A 373 20.69 3.06 22.19
CA ARG A 373 21.89 2.25 22.05
C ARG A 373 22.92 3.01 21.22
N HIS A 374 24.13 2.89 21.60
CA HIS A 374 25.24 3.48 20.87
C HIS A 374 25.92 2.45 20.00
N PRO A 375 26.50 2.86 18.87
CA PRO A 375 27.20 1.90 17.99
C PRO A 375 28.13 0.96 18.74
N GLY A 376 28.81 1.46 19.78
CA GLY A 376 29.80 0.65 20.48
C GLY A 376 29.22 -0.42 21.38
N GLY A 377 27.90 -0.55 21.45
CA GLY A 377 27.27 -1.55 22.28
C GLY A 377 26.86 -1.08 23.66
N THR A 378 27.05 0.20 23.97
CA THR A 378 26.62 0.75 25.25
C THR A 378 25.26 1.41 25.10
N THR A 379 24.66 1.76 26.23
CA THR A 379 23.34 2.38 26.23
C THR A 379 23.31 3.49 27.25
N THR A 380 22.42 4.46 27.00
CA THR A 380 22.13 5.53 27.94
C THR A 380 20.64 5.51 28.23
N HIS A 381 20.29 5.60 29.51
CA HIS A 381 18.92 5.75 29.95
C HIS A 381 18.73 7.17 30.45
N THR A 382 17.55 7.73 30.20
CA THR A 382 17.22 9.01 30.81
C THR A 382 17.08 8.83 32.32
N LYS A 383 17.39 9.91 33.05
CA LYS A 383 17.08 9.93 34.48
C LYS A 383 15.66 10.41 34.71
N ALA A 384 15.26 11.45 33.99
CA ALA A 384 13.89 11.94 34.01
C ALA A 384 12.95 10.92 33.38
N ALA A 385 11.67 11.04 33.69
CA ALA A 385 10.66 10.13 33.19
C ALA A 385 9.41 10.91 32.82
N ALA A 386 8.73 10.44 31.78
CA ALA A 386 7.40 10.91 31.46
C ALA A 386 6.38 10.12 32.27
N GLY A 387 5.28 10.79 32.63
CA GLY A 387 4.29 10.22 33.53
C GLY A 387 2.91 10.20 32.91
N VAL A 388 2.13 9.19 33.30
CA VAL A 388 0.72 9.09 32.94
C VAL A 388 -0.06 8.79 34.21
N LEU A 389 -1.06 9.62 34.50
CA LEU A 389 -1.88 9.49 35.69
C LEU A 389 -3.34 9.34 35.28
N ASP A 390 -3.98 8.28 35.77
CA ASP A 390 -5.42 8.13 35.67
C ASP A 390 -6.04 8.37 37.05
N SER A 391 -7.22 8.97 37.08
CA SER A 391 -7.89 9.31 38.32
C SER A 391 -9.38 9.44 38.03
N ALA A 392 -10.15 9.72 39.09
CA ALA A 392 -11.57 9.96 38.92
C ALA A 392 -11.87 11.19 38.08
N HIS A 393 -10.94 12.15 38.02
CA HIS A 393 -11.15 13.39 37.27
C HIS A 393 -10.60 13.32 35.84
N GLY A 394 -10.04 12.21 35.42
CA GLY A 394 -9.50 12.06 34.09
C GLY A 394 -8.00 11.87 34.08
N ARG A 395 -7.49 11.59 32.88
CA ARG A 395 -6.08 11.30 32.71
C ARG A 395 -5.24 12.57 32.70
N VAL A 396 -3.99 12.42 33.14
CA VAL A 396 -3.01 13.50 33.16
C VAL A 396 -1.68 12.93 32.69
N VAL A 397 -0.91 13.73 31.95
CA VAL A 397 0.42 13.33 31.52
C VAL A 397 1.43 14.30 32.13
N SER A 398 2.63 13.80 32.39
CA SER A 398 3.72 14.58 32.97
C SER A 398 4.88 14.58 31.99
N LEU A 399 5.32 15.78 31.59
CA LEU A 399 6.34 15.96 30.57
C LEU A 399 7.61 16.48 31.22
N PRO A 400 8.76 15.79 31.07
CA PRO A 400 9.99 16.24 31.72
C PRO A 400 10.80 17.22 30.89
N ARG A 401 11.41 18.18 31.58
CA ARG A 401 12.26 19.19 30.94
C ARG A 401 13.54 19.38 31.74
N ILE A 402 14.67 19.41 31.05
CA ILE A 402 15.95 19.79 31.66
C ILE A 402 16.28 21.19 31.15
N VAL A 403 16.04 22.21 31.99
CA VAL A 403 16.29 23.60 31.64
C VAL A 403 17.31 24.15 32.62
N SER A 404 18.42 24.66 32.11
CA SER A 404 19.48 25.29 32.90
C SER A 404 20.11 24.31 33.89
N GLY A 405 19.97 23.01 33.65
CA GLY A 405 20.59 21.99 34.47
C GLY A 405 19.71 21.41 35.55
N GLU A 406 18.47 21.86 35.68
CA GLU A 406 17.53 21.34 36.66
C GLU A 406 16.36 20.68 35.96
N LEU A 407 15.86 19.60 36.56
CA LEU A 407 14.74 18.86 35.99
C LEU A 407 13.43 19.56 36.32
N TYR A 408 12.66 19.85 35.28
CA TYR A 408 11.34 20.46 35.41
C TYR A 408 10.27 19.41 35.10
N GLY A 409 9.05 19.69 35.56
CA GLY A 409 7.93 18.80 35.30
C GLY A 409 6.69 19.59 34.94
N SER A 410 5.99 19.18 33.88
CA SER A 410 4.80 19.88 33.43
C SER A 410 3.64 18.91 33.32
N PHE A 411 2.54 19.22 34.02
CA PHE A 411 1.32 18.43 33.95
C PHE A 411 0.39 19.02 32.90
N LEU A 412 -0.16 18.15 32.05
CA LEU A 412 -1.06 18.56 30.98
C LEU A 412 -2.23 17.59 30.93
N PRO A 413 -3.40 18.04 30.46
CA PRO A 413 -4.51 17.10 30.24
C PRO A 413 -4.08 15.96 29.33
N GLY A 414 -4.50 14.75 29.69
CA GLY A 414 -4.00 13.55 29.04
C GLY A 414 -4.61 13.21 27.70
N THR A 415 -4.51 14.13 26.73
CA THR A 415 -4.94 13.81 25.38
C THR A 415 -3.83 13.06 24.64
N PRO A 416 -4.19 12.25 23.63
CA PRO A 416 -3.15 11.59 22.84
C PRO A 416 -2.14 12.57 22.26
N GLN A 417 -2.53 13.83 22.04
CA GLN A 417 -1.58 14.82 21.55
C GLN A 417 -0.60 15.22 22.65
N ASN A 418 -1.12 15.48 23.86
CA ASN A 418 -0.24 15.81 24.97
C ASN A 418 0.62 14.62 25.39
N LEU A 419 0.08 13.40 25.29
CA LEU A 419 0.89 12.22 25.56
C LEU A 419 2.07 12.15 24.60
N GLN A 420 1.81 12.37 23.30
CA GLN A 420 2.88 12.42 22.32
C GLN A 420 3.88 13.52 22.65
N LEU A 421 3.38 14.65 23.17
CA LEU A 421 4.27 15.73 23.58
C LEU A 421 5.15 15.31 24.75
N ALA A 422 4.56 14.64 25.76
CA ALA A 422 5.33 14.15 26.89
C ALA A 422 6.40 13.14 26.44
N LEU A 423 6.06 12.25 25.51
CA LEU A 423 7.02 11.26 25.04
C LEU A 423 8.08 11.91 24.15
N ASP A 424 7.71 12.93 23.36
CA ASP A 424 8.70 13.67 22.60
C ASP A 424 9.72 14.33 23.51
N ALA A 425 9.25 14.97 24.58
CA ALA A 425 10.15 15.63 25.53
C ALA A 425 11.07 14.64 26.21
N LEU A 426 10.53 13.49 26.63
CA LEU A 426 11.35 12.45 27.24
C LEU A 426 12.47 12.03 26.29
N VAL A 427 12.12 11.74 25.04
CA VAL A 427 13.11 11.25 24.08
C VAL A 427 14.17 12.31 23.80
N GLU A 428 13.78 13.59 23.81
CA GLU A 428 14.73 14.67 23.57
C GLU A 428 15.84 14.73 24.62
N LEU A 429 15.68 14.03 25.74
CA LEU A 429 16.72 13.98 26.77
C LEU A 429 17.78 12.91 26.49
N LEU A 430 17.63 12.15 25.40
CA LEU A 430 18.64 11.18 25.02
C LEU A 430 19.75 11.87 24.23
N PRO A 431 20.98 11.34 24.28
CA PRO A 431 22.08 11.95 23.50
C PRO A 431 21.71 12.26 22.06
N ALA A 432 20.96 11.37 21.41
CA ALA A 432 20.53 11.61 20.03
C ALA A 432 19.37 12.59 19.93
N GLY A 433 18.63 12.83 21.02
CA GLY A 433 17.56 13.80 21.03
C GLY A 433 16.36 13.50 20.14
N SER A 434 16.22 12.27 19.63
CA SER A 434 15.08 11.93 18.79
C SER A 434 14.91 10.41 18.79
N TRP A 435 13.71 9.98 18.41
CA TRP A 435 13.42 8.56 18.32
C TRP A 435 13.90 7.99 16.98
N LEU A 436 13.97 8.83 15.95
CA LEU A 436 14.31 8.42 14.59
C LEU A 436 13.40 7.32 14.10
N SER B 11 -9.48 -13.45 -16.46
CA SER B 11 -8.32 -14.14 -15.92
C SER B 11 -7.20 -14.13 -16.96
N SER B 12 -6.48 -15.25 -17.08
CA SER B 12 -5.45 -15.41 -18.11
C SER B 12 -4.25 -14.50 -17.90
N GLY B 13 -4.48 -13.21 -17.73
CA GLY B 13 -3.41 -12.24 -17.65
C GLY B 13 -2.81 -12.14 -16.25
N GLU B 14 -2.05 -11.06 -16.06
CA GLU B 14 -1.40 -10.76 -14.80
C GLU B 14 -2.10 -9.59 -14.11
N ASN B 15 -1.70 -9.36 -12.86
CA ASN B 15 -2.24 -8.28 -12.03
C ASN B 15 -3.76 -8.40 -11.94
N LEU B 16 -4.20 -9.57 -11.46
CA LEU B 16 -5.61 -9.83 -11.28
C LEU B 16 -6.14 -9.22 -9.98
N TYR B 17 -5.26 -8.89 -9.05
CA TYR B 17 -5.61 -8.20 -7.82
C TYR B 17 -4.97 -6.82 -7.87
N PHE B 18 -5.73 -5.81 -8.28
CA PHE B 18 -5.17 -4.47 -8.41
C PHE B 18 -5.14 -3.80 -7.04
N GLN B 19 -3.93 -3.49 -6.58
CA GLN B 19 -3.70 -2.88 -5.27
C GLN B 19 -3.55 -1.37 -5.48
N GLY B 20 -4.54 -0.61 -5.03
CA GLY B 20 -4.49 0.84 -5.02
C GLY B 20 -4.31 1.36 -3.60
N ASN B 21 -4.32 2.68 -3.48
CA ASN B 21 -4.19 3.30 -2.17
C ASN B 21 -4.77 4.70 -2.23
N ILE B 22 -5.02 5.26 -1.04
CA ILE B 22 -5.77 6.51 -0.96
C ILE B 22 -4.98 7.66 -1.55
N PHE B 23 -3.65 7.60 -1.49
CA PHE B 23 -2.83 8.69 -2.05
C PHE B 23 -2.92 8.73 -3.56
N GLU B 24 -2.77 7.58 -4.23
CA GLU B 24 -2.89 7.57 -5.69
C GLU B 24 -4.32 7.88 -6.12
N MET B 25 -5.31 7.43 -5.36
CA MET B 25 -6.70 7.78 -5.68
C MET B 25 -6.88 9.29 -5.73
N LEU B 26 -6.40 9.99 -4.71
CA LEU B 26 -6.64 11.43 -4.62
C LEU B 26 -5.65 12.23 -5.44
N ARG B 27 -4.45 11.69 -5.63
CA ARG B 27 -3.53 12.29 -6.60
C ARG B 27 -4.20 12.39 -7.96
N ILE B 28 -4.95 11.36 -8.34
CA ILE B 28 -5.60 11.32 -9.64
C ILE B 28 -6.83 12.25 -9.65
N ASP B 29 -7.67 12.18 -8.62
CA ASP B 29 -8.92 12.94 -8.63
C ASP B 29 -8.71 14.41 -8.27
N GLU B 30 -8.00 14.71 -7.16
CA GLU B 30 -7.77 16.09 -6.79
C GLU B 30 -6.61 16.71 -7.58
N GLY B 31 -5.64 15.90 -7.96
CA GLY B 31 -4.47 16.44 -8.63
C GLY B 31 -3.39 16.76 -7.61
N LEU B 32 -2.18 16.36 -7.94
CA LEU B 32 -1.01 16.70 -7.14
C LEU B 32 -0.34 17.94 -7.73
N ARG B 33 -0.12 18.94 -6.88
CA ARG B 33 0.64 20.12 -7.27
C ARG B 33 1.87 20.25 -6.38
N LEU B 34 3.03 20.34 -6.99
CA LEU B 34 4.25 20.61 -6.26
C LEU B 34 4.57 22.10 -6.21
N LYS B 35 3.80 22.92 -6.93
CA LYS B 35 3.95 24.36 -6.96
C LYS B 35 2.65 24.99 -6.49
N ILE B 36 2.76 26.01 -5.65
CA ILE B 36 1.58 26.71 -5.13
C ILE B 36 0.72 27.22 -6.27
N TYR B 37 -0.60 27.07 -6.12
CA TYR B 37 -1.53 27.41 -7.18
C TYR B 37 -2.76 28.06 -6.55
N LYS B 38 -3.49 28.80 -7.36
CA LYS B 38 -4.64 29.58 -6.88
C LYS B 38 -5.89 29.03 -7.55
N ASP B 39 -6.74 28.39 -6.76
CA ASP B 39 -7.97 27.79 -7.27
C ASP B 39 -9.02 28.86 -7.57
N THR B 40 -10.19 28.40 -8.06
CA THR B 40 -11.26 29.32 -8.42
C THR B 40 -11.77 30.10 -7.21
N GLU B 41 -11.81 29.46 -6.05
CA GLU B 41 -12.27 30.13 -4.83
C GLU B 41 -11.32 31.24 -4.39
N GLY B 42 -10.20 31.42 -5.09
CA GLY B 42 -9.24 32.46 -4.76
C GLY B 42 -8.24 32.07 -3.69
N TYR B 43 -8.37 30.89 -3.11
CA TYR B 43 -7.46 30.45 -2.06
C TYR B 43 -6.22 29.79 -2.67
N TYR B 44 -5.08 30.04 -2.05
CA TYR B 44 -3.83 29.44 -2.48
C TYR B 44 -3.74 28.00 -1.94
N THR B 45 -3.28 27.10 -2.80
CA THR B 45 -3.32 25.67 -2.51
C THR B 45 -2.04 25.01 -3.01
N ILE B 46 -1.67 23.90 -2.38
CA ILE B 46 -0.53 23.08 -2.81
C ILE B 46 -0.80 21.62 -2.46
N GLY B 47 0.04 20.74 -3.00
CA GLY B 47 -0.10 19.32 -2.70
C GLY B 47 -1.41 18.79 -3.27
N ILE B 48 -2.08 17.96 -2.48
CA ILE B 48 -3.37 17.39 -2.85
C ILE B 48 -4.43 18.20 -2.10
N GLY B 49 -4.86 19.30 -2.71
CA GLY B 49 -5.92 20.11 -2.14
C GLY B 49 -5.68 20.62 -0.74
N HIS B 50 -4.43 20.83 -0.36
CA HIS B 50 -4.12 21.45 0.93
C HIS B 50 -4.28 22.95 0.80
N LEU B 51 -5.35 23.51 1.37
CA LEU B 51 -5.58 24.94 1.33
C LEU B 51 -4.60 25.63 2.28
N LEU B 52 -3.81 26.57 1.76
CA LEU B 52 -2.76 27.21 2.55
C LEU B 52 -3.27 28.42 3.34
N THR B 53 -3.98 29.32 2.69
CA THR B 53 -4.46 30.52 3.37
C THR B 53 -5.58 31.14 2.57
N LYS B 54 -6.41 31.91 3.27
CA LYS B 54 -7.46 32.69 2.64
C LYS B 54 -6.97 34.03 2.16
N SER B 55 -5.82 34.49 2.65
CA SER B 55 -5.34 35.82 2.34
C SER B 55 -5.17 35.99 0.84
N PRO B 56 -5.42 37.17 0.29
CA PRO B 56 -5.13 37.44 -1.12
C PRO B 56 -3.65 37.63 -1.42
N SER B 57 -2.77 37.37 -0.47
CA SER B 57 -1.34 37.63 -0.61
C SER B 57 -0.59 36.32 -0.93
N LEU B 58 0.27 36.38 -1.95
CA LEU B 58 1.09 35.23 -2.29
C LEU B 58 2.17 35.01 -1.24
N ASN B 59 2.73 36.11 -0.72
CA ASN B 59 3.79 36.01 0.27
C ASN B 59 3.28 35.40 1.56
N ALA B 60 2.05 35.76 1.97
CA ALA B 60 1.47 35.12 3.14
C ALA B 60 1.31 33.63 2.92
N ALA B 61 0.89 33.24 1.71
CA ALA B 61 0.71 31.82 1.39
C ALA B 61 2.05 31.10 1.47
N LYS B 62 3.09 31.68 0.88
CA LYS B 62 4.42 31.09 0.99
C LYS B 62 4.89 31.05 2.44
N SER B 63 4.52 32.05 3.23
CA SER B 63 4.86 32.06 4.64
C SER B 63 4.16 30.91 5.37
N GLU B 64 2.86 30.72 5.08
CA GLU B 64 2.11 29.66 5.73
C GLU B 64 2.65 28.29 5.30
N LEU B 65 3.04 28.18 4.02
CA LEU B 65 3.58 26.92 3.51
C LEU B 65 4.90 26.57 4.17
N ASP B 66 5.79 27.55 4.38
CA ASP B 66 7.07 27.27 5.01
C ASP B 66 6.87 26.81 6.45
N LYS B 67 5.84 27.33 7.13
CA LYS B 67 5.53 26.88 8.48
C LYS B 67 5.08 25.42 8.47
N ALA B 68 4.15 25.07 7.58
CA ALA B 68 3.63 23.70 7.54
C ALA B 68 4.70 22.70 7.12
N ILE B 69 5.70 23.13 6.35
CA ILE B 69 6.71 22.22 5.83
C ILE B 69 7.99 22.21 6.68
N GLY B 70 8.25 23.26 7.45
CA GLY B 70 9.50 23.35 8.19
C GLY B 70 10.70 23.53 7.29
N ARG B 71 10.58 24.37 6.28
CA ARG B 71 11.64 24.56 5.28
C ARG B 71 11.29 25.80 4.49
N ASN B 72 12.32 26.49 4.00
CA ASN B 72 12.11 27.66 3.14
C ASN B 72 11.99 27.15 1.71
N THR B 73 10.76 27.15 1.19
CA THR B 73 10.44 26.46 -0.06
C THR B 73 10.12 27.42 -1.19
N ASN B 74 9.65 28.63 -0.88
CA ASN B 74 9.26 29.62 -1.90
C ASN B 74 8.20 29.03 -2.82
N GLY B 75 7.23 28.33 -2.24
CA GLY B 75 6.10 27.81 -2.98
C GLY B 75 6.34 26.57 -3.81
N VAL B 76 7.39 25.79 -3.52
CA VAL B 76 7.70 24.58 -4.28
C VAL B 76 8.06 23.47 -3.29
N ILE B 77 7.35 22.35 -3.36
CA ILE B 77 7.60 21.20 -2.48
C ILE B 77 7.89 19.97 -3.34
N THR B 78 8.36 18.91 -2.67
CA THR B 78 8.55 17.63 -3.33
C THR B 78 7.32 16.75 -3.14
N LYS B 79 7.35 15.58 -3.79
CA LYS B 79 6.25 14.63 -3.66
C LYS B 79 6.17 14.07 -2.24
N ASP B 80 7.31 13.80 -1.61
CA ASP B 80 7.28 13.28 -0.24
C ASP B 80 6.64 14.28 0.71
N GLU B 81 6.96 15.57 0.57
CA GLU B 81 6.35 16.57 1.45
C GLU B 81 4.86 16.68 1.20
N ALA B 82 4.42 16.64 -0.07
CA ALA B 82 3.00 16.61 -0.35
C ALA B 82 2.35 15.38 0.24
N GLU B 83 3.06 14.26 0.25
CA GLU B 83 2.54 13.04 0.86
C GLU B 83 2.38 13.21 2.36
N LYS B 84 3.36 13.86 2.99
CA LYS B 84 3.26 14.16 4.41
C LYS B 84 2.04 15.04 4.69
N LEU B 85 1.91 16.16 3.98
CA LEU B 85 0.75 17.02 4.13
C LEU B 85 -0.55 16.27 3.89
N PHE B 86 -0.58 15.43 2.85
CA PHE B 86 -1.80 14.70 2.53
C PHE B 86 -2.20 13.78 3.69
N ASN B 87 -1.24 13.10 4.31
CA ASN B 87 -1.57 12.23 5.43
C ASN B 87 -2.21 13.02 6.55
N GLN B 88 -1.66 14.20 6.84
CA GLN B 88 -2.26 15.07 7.85
C GLN B 88 -3.68 15.45 7.45
N ASP B 89 -3.91 15.79 6.18
CA ASP B 89 -5.25 16.15 5.74
C ASP B 89 -6.20 14.98 5.82
N VAL B 90 -5.74 13.76 5.51
CA VAL B 90 -6.58 12.60 5.68
C VAL B 90 -7.00 12.46 7.14
N ASP B 91 -6.05 12.61 8.07
CA ASP B 91 -6.37 12.62 9.49
C ASP B 91 -7.44 13.66 9.83
N ALA B 92 -7.26 14.88 9.33
CA ALA B 92 -8.26 15.93 9.57
C ALA B 92 -9.62 15.53 9.01
N ALA B 93 -9.64 14.88 7.85
CA ALA B 93 -10.91 14.50 7.25
C ALA B 93 -11.59 13.40 8.06
N VAL B 94 -10.82 12.39 8.49
CA VAL B 94 -11.40 11.32 9.29
C VAL B 94 -11.87 11.86 10.64
N ARG B 95 -11.04 12.71 11.26
CA ARG B 95 -11.43 13.39 12.49
C ARG B 95 -12.76 14.12 12.32
N GLY B 96 -12.93 14.84 11.21
CA GLY B 96 -14.19 15.50 10.96
C GLY B 96 -15.35 14.53 10.80
N ILE B 97 -15.14 13.42 10.08
CA ILE B 97 -16.20 12.43 9.88
C ILE B 97 -16.61 11.82 11.22
N LEU B 98 -15.63 11.39 12.01
CA LEU B 98 -15.93 10.72 13.27
C LEU B 98 -16.61 11.62 14.28
N ARG B 99 -16.62 12.93 14.04
CA ARG B 99 -17.26 13.90 14.92
C ARG B 99 -18.57 14.41 14.33
N ASN B 100 -19.01 13.84 13.22
CA ASN B 100 -20.24 14.25 12.56
C ASN B 100 -21.26 13.13 12.67
N ALA B 101 -22.33 13.39 13.42
CA ALA B 101 -23.32 12.34 13.69
C ALA B 101 -24.00 11.83 12.43
N LYS B 102 -23.98 12.60 11.34
CA LYS B 102 -24.56 12.17 10.08
C LYS B 102 -23.62 11.29 9.25
N LEU B 103 -22.31 11.34 9.52
CA LEU B 103 -21.33 10.60 8.73
C LEU B 103 -20.65 9.48 9.50
N LYS B 104 -20.54 9.62 10.83
CA LYS B 104 -19.81 8.62 11.62
C LYS B 104 -20.43 7.23 11.49
N PRO B 105 -21.75 7.06 11.60
CA PRO B 105 -22.29 5.69 11.47
C PRO B 105 -21.94 5.04 10.14
N VAL B 106 -21.98 5.81 9.05
CA VAL B 106 -21.70 5.25 7.75
C VAL B 106 -20.22 4.89 7.63
N TYR B 107 -19.33 5.78 8.10
CA TYR B 107 -17.90 5.54 8.01
C TYR B 107 -17.51 4.29 8.81
N ASP B 108 -18.04 4.16 10.03
CA ASP B 108 -17.73 2.99 10.86
C ASP B 108 -18.14 1.69 10.19
N SER B 109 -19.21 1.72 9.39
CA SER B 109 -19.72 0.50 8.76
C SER B 109 -18.97 0.13 7.50
N LEU B 110 -18.24 1.07 6.89
CA LEU B 110 -17.62 0.84 5.59
C LEU B 110 -16.25 0.18 5.71
N ASP B 111 -15.92 -0.62 4.71
CA ASP B 111 -14.58 -1.16 4.52
C ASP B 111 -13.59 -0.05 4.16
N ALA B 112 -12.31 -0.41 4.14
CA ALA B 112 -11.27 0.61 3.98
C ALA B 112 -11.38 1.31 2.62
N VAL B 113 -11.70 0.57 1.57
CA VAL B 113 -11.75 1.15 0.23
C VAL B 113 -12.89 2.16 0.13
N ARG B 114 -14.08 1.77 0.58
CA ARG B 114 -15.21 2.68 0.57
C ARG B 114 -15.01 3.85 1.53
N ARG B 115 -14.23 3.65 2.60
CA ARG B 115 -13.85 4.79 3.44
C ARG B 115 -13.01 5.80 2.65
N ALA B 116 -12.08 5.30 1.83
CA ALA B 116 -11.31 6.19 0.98
C ALA B 116 -12.21 6.95 0.02
N ALA B 117 -13.24 6.28 -0.51
CA ALA B 117 -14.17 6.97 -1.39
C ALA B 117 -14.89 8.10 -0.66
N LEU B 118 -15.28 7.85 0.59
CA LEU B 118 -15.95 8.88 1.35
C LEU B 118 -15.00 10.03 1.68
N ILE B 119 -13.78 9.70 2.11
CA ILE B 119 -12.75 10.72 2.31
C ILE B 119 -12.53 11.50 1.02
N ASN B 120 -12.65 10.83 -0.12
CA ASN B 120 -12.46 11.49 -1.40
C ASN B 120 -13.49 12.59 -1.60
N MET B 121 -14.76 12.30 -1.30
CA MET B 121 -15.81 13.30 -1.41
C MET B 121 -15.61 14.42 -0.40
N VAL B 122 -15.17 14.10 0.81
CA VAL B 122 -14.90 15.12 1.81
C VAL B 122 -13.85 16.10 1.31
N PHE B 123 -12.77 15.58 0.75
CA PHE B 123 -11.75 16.44 0.15
C PHE B 123 -12.36 17.38 -0.89
N GLN B 124 -13.31 16.87 -1.68
CA GLN B 124 -13.82 17.65 -2.80
C GLN B 124 -14.79 18.73 -2.34
N MET B 125 -15.82 18.35 -1.58
CA MET B 125 -16.91 19.26 -1.28
C MET B 125 -17.08 19.55 0.20
N GLY B 126 -16.25 18.98 1.05
CA GLY B 126 -16.30 19.29 2.47
C GLY B 126 -17.27 18.40 3.22
N GLU B 127 -17.08 18.37 4.54
CA GLU B 127 -17.89 17.50 5.40
C GLU B 127 -19.37 17.81 5.28
N THR B 128 -19.73 19.09 5.21
CA THR B 128 -21.15 19.45 5.18
C THR B 128 -21.80 19.03 3.87
N GLY B 129 -21.12 19.25 2.74
CA GLY B 129 -21.68 18.85 1.45
C GLY B 129 -21.92 17.35 1.37
N VAL B 130 -21.00 16.57 1.92
CA VAL B 130 -21.13 15.11 1.88
C VAL B 130 -22.29 14.67 2.76
N ALA B 131 -22.46 15.30 3.93
CA ALA B 131 -23.57 14.97 4.81
C ALA B 131 -24.92 15.25 4.19
N GLY B 132 -24.97 16.00 3.09
CA GLY B 132 -26.21 16.24 2.38
C GLY B 132 -26.71 15.07 1.55
N PHE B 133 -25.88 14.03 1.37
CA PHE B 133 -26.28 12.83 0.63
C PHE B 133 -26.92 11.81 1.57
N THR B 134 -28.02 12.22 2.21
CA THR B 134 -28.60 11.43 3.29
C THR B 134 -29.10 10.07 2.80
N ASN B 135 -29.77 10.03 1.65
CA ASN B 135 -30.29 8.76 1.15
C ASN B 135 -29.15 7.83 0.73
N SER B 136 -28.21 8.33 -0.08
CA SER B 136 -27.11 7.49 -0.53
C SER B 136 -26.29 6.98 0.66
N LEU B 137 -26.09 7.83 1.68
CA LEU B 137 -25.33 7.41 2.85
C LEU B 137 -26.08 6.33 3.62
N ARG B 138 -27.40 6.37 3.63
CA ARG B 138 -28.17 5.33 4.29
C ARG B 138 -28.04 4.01 3.53
N MET B 139 -28.06 4.08 2.21
CA MET B 139 -27.89 2.87 1.40
C MET B 139 -26.51 2.25 1.60
N LEU B 140 -25.46 3.08 1.63
CA LEU B 140 -24.12 2.58 1.89
C LEU B 140 -24.06 1.90 3.25
N GLN B 141 -24.71 2.49 4.26
CA GLN B 141 -24.72 1.90 5.59
C GLN B 141 -25.44 0.56 5.60
N GLN B 142 -26.42 0.38 4.71
CA GLN B 142 -27.15 -0.87 4.59
C GLN B 142 -26.53 -1.82 3.56
N LYS B 143 -25.36 -1.48 3.02
CA LYS B 143 -24.64 -2.35 2.10
C LYS B 143 -25.42 -2.59 0.82
N ARG B 144 -26.25 -1.62 0.43
CA ARG B 144 -26.96 -1.68 -0.84
C ARG B 144 -26.14 -0.93 -1.89
N TRP B 145 -25.04 -1.56 -2.29
CA TRP B 145 -24.02 -0.89 -3.10
C TRP B 145 -24.61 -0.40 -4.42
N ASP B 146 -25.29 -1.28 -5.16
CA ASP B 146 -25.78 -0.90 -6.48
C ASP B 146 -26.77 0.24 -6.41
N GLU B 147 -27.63 0.23 -5.40
CA GLU B 147 -28.64 1.28 -5.26
C GLU B 147 -28.01 2.60 -4.87
N ALA B 148 -27.04 2.58 -3.95
CA ALA B 148 -26.33 3.81 -3.60
C ALA B 148 -25.62 4.40 -4.81
N ALA B 149 -25.00 3.55 -5.64
CA ALA B 149 -24.31 4.03 -6.83
C ALA B 149 -25.29 4.72 -7.78
N VAL B 150 -26.45 4.10 -8.00
CA VAL B 150 -27.48 4.72 -8.83
C VAL B 150 -27.91 6.04 -8.22
N ASN B 151 -28.16 6.06 -6.90
CA ASN B 151 -28.66 7.27 -6.26
C ASN B 151 -27.62 8.39 -6.29
N LEU B 152 -26.34 8.05 -6.06
CA LEU B 152 -25.30 9.08 -6.04
C LEU B 152 -25.16 9.76 -7.40
N ALA B 153 -25.32 9.00 -8.49
CA ALA B 153 -25.14 9.55 -9.83
C ALA B 153 -26.19 10.57 -10.22
N LYS B 154 -27.29 10.66 -9.46
CA LYS B 154 -28.38 11.60 -9.73
C LYS B 154 -28.20 12.92 -8.98
N SER B 155 -26.97 13.28 -8.63
CA SER B 155 -26.70 14.46 -7.82
C SER B 155 -26.11 15.59 -8.68
N ARG B 156 -26.12 16.78 -8.10
CA ARG B 156 -25.43 17.92 -8.71
C ARG B 156 -23.93 17.67 -8.80
N TRP B 157 -23.38 16.95 -7.82
CA TRP B 157 -21.96 16.59 -7.83
C TRP B 157 -21.60 15.79 -9.08
N TYR B 158 -22.40 14.79 -9.41
CA TYR B 158 -22.09 13.93 -10.56
C TYR B 158 -22.01 14.76 -11.84
N ASN B 159 -22.91 15.72 -12.01
CA ASN B 159 -22.92 16.49 -13.25
C ASN B 159 -21.85 17.57 -13.27
N GLN B 160 -21.45 18.07 -12.10
CA GLN B 160 -20.39 19.08 -12.07
C GLN B 160 -19.04 18.46 -12.40
N THR B 161 -18.74 17.27 -11.85
CA THR B 161 -17.47 16.58 -12.09
C THR B 161 -17.77 15.13 -12.42
N PRO B 162 -18.21 14.84 -13.65
CA PRO B 162 -18.64 13.47 -13.96
C PRO B 162 -17.51 12.45 -13.91
N ASN B 163 -16.33 12.80 -14.40
CA ASN B 163 -15.23 11.85 -14.45
C ASN B 163 -14.80 11.42 -13.04
N ARG B 164 -14.66 12.39 -12.13
CA ARG B 164 -14.30 12.07 -10.76
C ARG B 164 -15.40 11.28 -10.07
N ALA B 165 -16.64 11.77 -10.16
CA ALA B 165 -17.75 11.12 -9.47
C ALA B 165 -17.94 9.69 -9.95
N LYS B 166 -17.73 9.46 -11.25
CA LYS B 166 -17.88 8.11 -11.79
C LYS B 166 -16.89 7.16 -11.13
N ARG B 167 -15.61 7.55 -11.08
CA ARG B 167 -14.62 6.73 -10.40
C ARG B 167 -15.01 6.53 -8.94
N VAL B 168 -15.40 7.61 -8.25
CA VAL B 168 -15.80 7.51 -6.85
C VAL B 168 -17.02 6.61 -6.71
N ILE B 169 -17.99 6.74 -7.61
CA ILE B 169 -19.20 5.93 -7.53
C ILE B 169 -18.88 4.46 -7.81
N THR B 170 -18.01 4.18 -8.78
CA THR B 170 -17.60 2.80 -9.03
C THR B 170 -16.93 2.23 -7.79
N THR B 171 -16.09 3.02 -7.11
CA THR B 171 -15.45 2.55 -5.90
C THR B 171 -16.50 2.23 -4.81
N PHE B 172 -17.49 3.10 -4.64
CA PHE B 172 -18.55 2.80 -3.67
C PHE B 172 -19.31 1.53 -4.05
N ARG B 173 -19.48 1.28 -5.35
CA ARG B 173 -20.24 0.12 -5.81
C ARG B 173 -19.47 -1.17 -5.58
N THR B 174 -18.19 -1.19 -5.93
CA THR B 174 -17.40 -2.42 -5.91
C THR B 174 -16.58 -2.58 -4.65
N GLY B 175 -16.23 -1.49 -3.96
CA GLY B 175 -15.28 -1.61 -2.87
C GLY B 175 -13.88 -2.02 -3.32
N THR B 176 -13.55 -1.88 -4.61
CA THR B 176 -12.21 -2.16 -5.10
C THR B 176 -11.60 -0.88 -5.66
N TRP B 177 -10.33 -0.97 -6.05
CA TRP B 177 -9.58 0.16 -6.59
C TRP B 177 -9.58 0.24 -8.10
N ASP B 178 -10.29 -0.67 -8.80
CA ASP B 178 -10.07 -0.86 -10.24
C ASP B 178 -10.30 0.40 -11.06
N ALA B 179 -11.16 1.30 -10.59
CA ALA B 179 -11.42 2.52 -11.34
C ALA B 179 -10.19 3.40 -11.46
N TYR B 180 -9.14 3.15 -10.69
CA TYR B 180 -7.93 3.97 -10.70
C TYR B 180 -6.73 3.27 -11.34
N ALA B 181 -6.92 2.10 -11.93
CA ALA B 181 -5.84 1.42 -12.65
C ALA B 181 -5.47 2.20 -13.91
N MET B 182 -6.61 2.65 -14.67
CA MET B 182 -6.42 3.43 -15.88
C MET B 182 -7.42 4.56 -15.94
N VAL B 183 -6.95 5.80 -15.88
CA VAL B 183 -7.81 6.98 -15.97
C VAL B 183 -7.48 7.68 -17.27
N GLY B 184 -8.51 8.02 -18.03
CA GLY B 184 -8.32 8.46 -19.40
C GLY B 184 -8.95 9.81 -19.66
N VAL B 185 -8.34 10.54 -20.57
CA VAL B 185 -8.90 11.74 -21.13
C VAL B 185 -8.77 11.67 -22.63
N GLU B 186 -9.67 12.34 -23.32
CA GLU B 186 -9.73 12.33 -24.76
C GLU B 186 -9.59 13.76 -25.26
N VAL B 187 -8.64 13.99 -26.17
CA VAL B 187 -8.36 15.32 -26.69
C VAL B 187 -8.04 15.21 -28.17
N THR B 188 -8.31 16.29 -28.90
CA THR B 188 -7.92 16.38 -30.29
C THR B 188 -6.43 16.71 -30.41
N ILE B 189 -5.88 16.47 -31.60
CA ILE B 189 -4.48 16.84 -31.84
C ILE B 189 -4.30 18.34 -31.63
N ASP B 190 -5.32 19.15 -31.96
CA ASP B 190 -5.20 20.59 -31.74
C ASP B 190 -5.23 20.92 -30.26
N GLY B 191 -6.15 20.31 -29.51
CA GLY B 191 -6.14 20.46 -28.07
C GLY B 191 -4.81 20.04 -27.46
N MET B 192 -4.20 19.00 -28.03
CA MET B 192 -2.90 18.54 -27.56
C MET B 192 -1.83 19.60 -27.78
N LEU B 193 -1.83 20.25 -28.95
CA LEU B 193 -0.84 21.29 -29.21
C LEU B 193 -1.02 22.46 -28.26
N VAL B 194 -2.26 22.80 -27.91
CA VAL B 194 -2.51 23.87 -26.94
C VAL B 194 -1.96 23.48 -25.57
N LEU B 195 -2.21 22.24 -25.15
CA LEU B 195 -1.75 21.82 -23.83
C LEU B 195 -0.23 21.83 -23.76
N ALA B 196 0.44 21.24 -24.76
CA ALA B 196 1.90 21.20 -24.76
C ALA B 196 2.48 22.61 -24.77
N ASP B 197 1.94 23.49 -25.61
CA ASP B 197 2.37 24.88 -25.60
C ASP B 197 2.21 25.47 -24.20
N ARG B 198 1.07 25.19 -23.56
CA ARG B 198 0.79 25.73 -22.24
C ARG B 198 1.75 25.18 -21.19
N LEU B 199 2.30 23.98 -21.41
CA LEU B 199 3.18 23.32 -20.45
C LEU B 199 4.64 23.33 -20.90
N HIS B 200 4.94 24.01 -22.01
CA HIS B 200 6.30 24.16 -22.51
C HIS B 200 6.90 22.80 -22.84
N LEU B 201 6.14 21.99 -23.57
CA LEU B 201 6.50 20.62 -23.86
C LEU B 201 6.70 20.44 -25.37
N VAL B 202 7.79 19.76 -25.73
CA VAL B 202 8.05 19.32 -27.09
C VAL B 202 8.59 17.90 -27.05
N ASP B 203 8.93 17.37 -28.24
CA ASP B 203 9.55 16.06 -28.38
C ASP B 203 8.59 14.93 -28.01
N PHE B 204 7.39 14.97 -28.58
CA PHE B 204 6.51 13.84 -28.43
C PHE B 204 6.91 12.74 -29.42
N PRO B 205 6.60 11.48 -29.11
CA PRO B 205 6.90 10.41 -30.07
C PRO B 205 6.31 10.73 -31.44
N VAL B 206 7.17 10.67 -32.46
CA VAL B 206 6.77 11.03 -33.82
C VAL B 206 5.57 10.17 -34.26
N ALA B 207 5.47 8.94 -33.78
CA ALA B 207 4.39 8.05 -34.17
C ALA B 207 3.01 8.62 -33.85
N LEU B 208 2.92 9.58 -32.92
CA LEU B 208 1.64 10.19 -32.59
C LEU B 208 1.32 11.43 -33.42
N GLY B 209 2.30 11.94 -34.20
CA GLY B 209 2.05 13.05 -35.09
C GLY B 209 1.56 14.32 -34.43
N ILE B 210 2.26 14.78 -33.41
CA ILE B 210 1.95 16.04 -32.72
C ILE B 210 3.02 17.05 -33.14
N ARG B 211 2.62 17.99 -34.00
CA ARG B 211 3.51 18.94 -34.65
C ARG B 211 4.45 19.62 -33.66
N PRO B 212 5.66 20.04 -34.10
CA PRO B 212 6.57 20.83 -33.26
C PRO B 212 6.04 22.22 -32.92
N ILE B 222 -3.38 33.78 -33.50
CA ILE B 222 -4.48 34.24 -32.65
C ILE B 222 -5.72 33.38 -32.89
N VAL B 223 -5.78 32.76 -34.08
CA VAL B 223 -6.86 31.83 -34.38
C VAL B 223 -6.87 30.70 -33.37
N TRP B 224 -5.72 30.39 -32.78
CA TRP B 224 -5.61 29.31 -31.80
C TRP B 224 -6.27 29.67 -30.48
N ASP B 225 -6.50 30.96 -30.23
CA ASP B 225 -7.24 31.34 -29.02
C ASP B 225 -8.70 30.92 -29.10
N GLN B 226 -9.23 30.70 -30.30
CA GLN B 226 -10.56 30.10 -30.42
C GLN B 226 -10.56 28.66 -29.94
N VAL B 227 -9.48 27.92 -30.23
CA VAL B 227 -9.35 26.57 -29.71
C VAL B 227 -9.26 26.59 -28.19
N ARG B 228 -8.49 27.55 -27.65
CA ARG B 228 -8.39 27.69 -26.20
C ARG B 228 -9.74 28.00 -25.57
N ARG B 229 -10.54 28.85 -26.22
CA ARG B 229 -11.90 29.12 -25.75
C ARG B 229 -12.72 27.84 -25.70
N ASP B 230 -12.56 26.97 -26.70
CA ASP B 230 -13.31 25.72 -26.71
C ASP B 230 -12.83 24.78 -25.61
N LEU B 231 -11.51 24.65 -25.42
CA LEU B 231 -10.99 23.78 -24.38
C LEU B 231 -11.38 24.25 -22.99
N THR B 232 -11.42 25.58 -22.79
CA THR B 232 -11.87 26.11 -21.50
C THR B 232 -13.33 25.80 -21.27
N ALA B 233 -14.15 25.91 -22.30
CA ALA B 233 -15.59 25.65 -22.17
C ALA B 233 -15.86 24.18 -21.89
N GLN B 234 -14.98 23.29 -22.32
CA GLN B 234 -15.12 21.86 -22.10
C GLN B 234 -14.53 21.40 -20.78
N GLY B 235 -13.94 22.31 -20.00
CA GLY B 235 -13.29 21.94 -18.76
C GLY B 235 -11.95 21.29 -18.90
N VAL B 236 -11.34 21.29 -20.08
CA VAL B 236 -9.98 20.79 -20.22
C VAL B 236 -8.98 21.80 -19.67
N LEU B 237 -9.24 23.09 -19.87
CA LEU B 237 -8.42 24.15 -19.31
C LEU B 237 -9.22 24.89 -18.24
N ASP B 238 -8.54 25.25 -17.15
CA ASP B 238 -9.20 25.92 -16.04
C ASP B 238 -9.23 27.43 -16.30
N HIS B 239 -9.57 28.20 -15.26
CA HIS B 239 -9.81 29.62 -15.42
C HIS B 239 -8.55 30.38 -15.81
N ASN B 240 -7.38 29.87 -15.45
CA ASN B 240 -6.12 30.47 -15.87
C ASN B 240 -5.55 29.83 -17.12
N GLY B 241 -6.28 28.90 -17.74
CA GLY B 241 -5.84 28.27 -18.96
C GLY B 241 -4.90 27.11 -18.77
N TYR B 242 -4.85 26.52 -17.56
CA TYR B 242 -4.01 25.36 -17.32
C TYR B 242 -4.83 24.09 -17.10
N PRO B 243 -4.32 22.95 -17.55
CA PRO B 243 -5.04 21.68 -17.37
C PRO B 243 -5.03 21.18 -15.93
N HIS B 244 -6.00 20.33 -15.63
CA HIS B 244 -5.98 19.59 -14.38
C HIS B 244 -4.64 18.88 -14.21
N PRO B 245 -4.04 18.89 -13.01
CA PRO B 245 -2.70 18.30 -12.85
C PRO B 245 -2.57 16.86 -13.34
N THR B 246 -3.64 16.07 -13.29
CA THR B 246 -3.55 14.69 -13.77
C THR B 246 -3.46 14.66 -15.29
N VAL B 247 -4.25 15.51 -15.97
CA VAL B 247 -4.12 15.68 -17.41
C VAL B 247 -2.72 16.19 -17.75
N ALA B 248 -2.21 17.15 -16.96
CA ALA B 248 -0.84 17.64 -17.15
C ALA B 248 0.18 16.51 -17.06
N SER B 249 0.02 15.61 -16.08
CA SER B 249 0.95 14.49 -15.94
C SER B 249 0.92 13.62 -17.19
N MET B 250 -0.27 13.37 -17.74
CA MET B 250 -0.36 12.53 -18.93
C MET B 250 0.45 13.14 -20.06
N VAL B 251 0.20 14.41 -20.36
CA VAL B 251 0.87 15.08 -21.48
C VAL B 251 2.37 15.16 -21.22
N ASP B 252 2.77 15.44 -19.97
CA ASP B 252 4.19 15.55 -19.67
C ASP B 252 4.89 14.21 -19.86
N THR B 253 4.23 13.12 -19.48
CA THR B 253 4.87 11.80 -19.61
C THR B 253 5.18 11.48 -21.06
N LEU B 254 4.35 11.96 -22.00
CA LEU B 254 4.58 11.70 -23.42
C LEU B 254 5.68 12.57 -24.01
N SER B 255 6.06 13.64 -23.33
CA SER B 255 7.12 14.54 -23.81
C SER B 255 8.45 14.02 -23.26
N ARG B 256 9.32 13.56 -24.15
CA ARG B 256 10.64 13.05 -23.79
C ARG B 256 10.53 11.94 -22.75
N PRO B 257 9.76 10.89 -23.01
CA PRO B 257 9.70 9.80 -22.04
C PRO B 257 11.03 9.07 -21.96
N ASP B 258 11.20 8.34 -20.85
CA ASP B 258 12.40 7.53 -20.69
C ASP B 258 12.33 6.29 -21.56
N ARG B 259 11.14 5.71 -21.71
CA ARG B 259 10.96 4.52 -22.52
C ARG B 259 9.66 4.65 -23.30
N THR B 260 9.60 3.95 -24.43
CA THR B 260 8.36 3.87 -25.16
C THR B 260 8.25 2.52 -25.86
N LEU B 261 7.02 2.05 -25.96
CA LEU B 261 6.61 1.08 -26.97
C LEU B 261 5.80 1.85 -28.00
N GLU B 262 6.20 1.77 -29.25
CA GLU B 262 5.49 2.44 -30.34
C GLU B 262 4.95 1.37 -31.27
N ALA B 263 3.65 1.42 -31.54
CA ALA B 263 3.01 0.33 -32.25
C ALA B 263 2.27 0.86 -33.47
N ARG B 264 2.30 0.08 -34.53
CA ARG B 264 1.43 0.31 -35.69
C ARG B 264 0.44 -0.84 -35.72
N TRP B 265 -0.84 -0.49 -35.76
CA TRP B 265 -1.91 -1.45 -35.54
C TRP B 265 -2.80 -1.45 -36.78
N TRP B 266 -2.64 -2.48 -37.59
CA TRP B 266 -3.41 -2.65 -38.81
C TRP B 266 -4.62 -3.53 -38.52
N ARG B 267 -5.81 -2.98 -38.71
CA ARG B 267 -7.03 -3.69 -38.39
C ARG B 267 -7.76 -3.92 -39.70
N ARG B 268 -7.53 -5.07 -40.32
CA ARG B 268 -8.29 -5.45 -41.50
C ARG B 268 -9.77 -5.59 -41.17
N ASP B 269 -10.07 -6.12 -39.98
CA ASP B 269 -11.43 -6.51 -39.61
C ASP B 269 -12.38 -5.34 -39.43
N VAL B 270 -11.90 -4.09 -39.46
CA VAL B 270 -12.78 -2.94 -39.29
C VAL B 270 -12.40 -1.88 -40.31
N GLY B 271 -12.17 -2.30 -41.55
CA GLY B 271 -12.07 -1.40 -42.68
C GLY B 271 -10.67 -1.23 -43.22
N GLY B 272 -9.65 -1.73 -42.54
CA GLY B 272 -8.29 -1.55 -42.99
C GLY B 272 -7.76 -0.21 -42.55
N VAL B 273 -7.92 0.08 -41.27
CA VAL B 273 -7.47 1.34 -40.67
C VAL B 273 -6.13 1.09 -39.98
N MET B 274 -5.17 1.96 -40.21
CA MET B 274 -3.88 1.93 -39.51
C MET B 274 -3.98 2.79 -38.26
N VAL B 275 -3.86 2.16 -37.09
CA VAL B 275 -3.88 2.87 -35.81
C VAL B 275 -2.47 2.93 -35.24
N ARG B 276 -2.09 4.09 -34.72
CA ARG B 276 -0.81 4.28 -34.04
C ARG B 276 -1.08 4.50 -32.55
N PHE B 277 -0.32 3.80 -31.70
CA PHE B 277 -0.41 4.08 -30.28
C PHE B 277 0.93 3.85 -29.60
N VAL B 278 1.08 4.47 -28.43
CA VAL B 278 2.33 4.49 -27.69
C VAL B 278 2.06 4.09 -26.25
N VAL B 279 3.02 3.40 -25.66
CA VAL B 279 3.08 3.20 -24.22
C VAL B 279 4.38 3.86 -23.75
N ALA B 280 4.25 4.81 -22.82
CA ALA B 280 5.38 5.63 -22.41
C ALA B 280 5.58 5.58 -20.90
N ARG B 281 6.84 5.52 -20.48
CA ARG B 281 7.22 5.65 -19.09
C ARG B 281 8.11 6.87 -18.92
N LYS B 282 7.82 7.66 -17.90
CA LYS B 282 8.70 8.74 -17.47
C LYS B 282 8.70 8.72 -15.95
N ASP B 283 9.85 8.40 -15.35
CA ASP B 283 9.96 8.13 -13.92
C ASP B 283 8.99 7.00 -13.59
N ASP B 284 7.99 7.18 -12.74
CA ASP B 284 7.05 6.13 -12.40
C ASP B 284 5.71 6.28 -13.09
N ARG B 285 5.53 7.31 -13.92
CA ARG B 285 4.28 7.49 -14.63
C ARG B 285 4.30 6.69 -15.93
N HIS B 286 3.16 6.08 -16.23
CA HIS B 286 2.96 5.34 -17.47
C HIS B 286 1.74 5.90 -18.17
N VAL B 287 1.85 6.15 -19.47
CA VAL B 287 0.75 6.67 -20.26
C VAL B 287 0.60 5.84 -21.52
N ILE B 288 -0.65 5.47 -21.83
CA ILE B 288 -1.02 4.91 -23.11
C ILE B 288 -1.63 6.03 -23.96
N ALA B 289 -1.15 6.16 -25.20
CA ALA B 289 -1.65 7.16 -26.13
C ALA B 289 -2.01 6.46 -27.43
N VAL B 290 -3.30 6.45 -27.75
CA VAL B 290 -3.82 5.91 -29.00
C VAL B 290 -4.32 7.07 -29.86
N ARG B 291 -3.83 7.15 -31.10
CA ARG B 291 -4.31 8.15 -32.05
C ARG B 291 -5.30 7.49 -33.03
N ASN B 292 -6.51 8.03 -33.08
CA ASN B 292 -7.56 7.56 -34.00
C ASN B 292 -7.98 8.77 -34.82
N GLY B 293 -7.46 8.85 -36.03
CA GLY B 293 -7.66 10.01 -36.87
C GLY B 293 -6.95 11.22 -36.28
N ASP B 294 -7.70 12.29 -36.05
CA ASP B 294 -7.18 13.48 -35.38
C ASP B 294 -7.57 13.51 -33.91
N LEU B 295 -7.77 12.33 -33.33
CA LEU B 295 -8.17 12.20 -31.94
C LEU B 295 -7.13 11.41 -31.16
N LEU B 296 -6.87 11.83 -29.93
CA LEU B 296 -5.93 11.16 -29.04
C LEU B 296 -6.64 10.79 -27.75
N VAL B 297 -6.58 9.52 -27.40
CA VAL B 297 -7.08 9.03 -26.13
C VAL B 297 -5.87 8.72 -25.25
N LEU B 298 -5.73 9.47 -24.16
CA LEU B 298 -4.65 9.28 -23.22
C LEU B 298 -5.17 8.59 -21.96
N GLN B 299 -4.41 7.62 -21.47
CA GLN B 299 -4.75 6.91 -20.24
C GLN B 299 -3.53 6.90 -19.34
N LEU B 300 -3.70 7.41 -18.12
CA LEU B 300 -2.69 7.25 -17.08
C LEU B 300 -2.86 5.87 -16.46
N VAL B 301 -1.80 5.06 -16.50
CA VAL B 301 -1.88 3.65 -16.12
C VAL B 301 -0.97 3.39 -14.92
N ALA B 302 -1.48 2.63 -13.96
CA ALA B 302 -0.68 2.26 -12.80
C ALA B 302 0.39 1.24 -13.20
N PRO B 303 1.63 1.39 -12.70
CA PRO B 303 2.70 0.48 -13.13
C PRO B 303 2.40 -1.00 -12.95
N GLN B 304 1.73 -1.37 -11.86
CA GLN B 304 1.49 -2.78 -11.56
C GLN B 304 0.70 -3.47 -12.68
N VAL B 305 0.08 -2.71 -13.58
CA VAL B 305 -0.69 -3.33 -14.66
C VAL B 305 0.23 -4.11 -15.58
N GLY B 306 1.46 -3.64 -15.76
CA GLY B 306 2.45 -4.30 -16.59
C GLY B 306 2.28 -4.01 -18.08
N LEU B 307 3.38 -4.16 -18.81
CA LEU B 307 3.42 -3.87 -20.24
C LEU B 307 2.41 -4.70 -21.02
N ALA B 308 2.37 -6.02 -20.77
CA ALA B 308 1.40 -6.86 -21.47
C ALA B 308 -0.02 -6.36 -21.22
N GLY B 309 -0.32 -5.98 -19.98
CA GLY B 309 -1.65 -5.46 -19.68
C GLY B 309 -1.93 -4.15 -20.39
N MET B 310 -0.91 -3.29 -20.50
CA MET B 310 -1.10 -2.02 -21.20
C MET B 310 -1.38 -2.26 -22.69
N VAL B 311 -0.60 -3.12 -23.32
CA VAL B 311 -0.83 -3.41 -24.74
C VAL B 311 -2.19 -4.06 -24.94
N THR B 312 -2.55 -5.00 -24.06
CA THR B 312 -3.85 -5.65 -24.16
C THR B 312 -4.99 -4.66 -23.94
N ALA B 313 -4.79 -3.66 -23.08
CA ALA B 313 -5.81 -2.65 -22.88
C ALA B 313 -6.16 -1.97 -24.20
N VAL B 314 -5.21 -1.85 -25.12
CA VAL B 314 -5.48 -1.26 -26.43
C VAL B 314 -5.99 -2.31 -27.41
N LEU B 315 -5.39 -3.50 -27.42
CA LEU B 315 -5.71 -4.51 -28.41
C LEU B 315 -6.90 -5.38 -28.02
N GLY B 316 -7.25 -5.39 -26.74
CA GLY B 316 -8.28 -6.27 -26.24
C GLY B 316 -7.73 -7.65 -25.95
N THR B 317 -8.53 -8.43 -25.24
CA THR B 317 -8.17 -9.81 -24.97
C THR B 317 -8.55 -10.70 -26.14
N ALA B 318 -7.84 -11.82 -26.26
CA ALA B 318 -8.13 -12.78 -27.31
C ALA B 318 -7.68 -14.16 -26.85
N ASP B 319 -8.33 -15.17 -27.36
CA ASP B 319 -7.96 -16.53 -27.02
C ASP B 319 -6.71 -16.93 -27.80
N PRO B 320 -5.79 -17.67 -27.18
CA PRO B 320 -4.57 -18.07 -27.88
C PRO B 320 -4.87 -18.99 -29.06
N ALA B 321 -3.97 -18.97 -30.04
CA ALA B 321 -4.12 -19.86 -31.19
C ALA B 321 -4.25 -21.29 -30.71
N SER B 322 -5.29 -21.97 -31.19
CA SER B 322 -5.75 -23.22 -30.58
C SER B 322 -4.63 -24.24 -30.48
N VAL B 323 -4.19 -24.82 -31.60
CA VAL B 323 -3.01 -25.65 -31.50
C VAL B 323 -1.88 -24.73 -31.01
N GLU B 324 -0.92 -25.31 -30.29
CA GLU B 324 0.20 -24.53 -29.77
C GLU B 324 1.50 -24.73 -30.54
N PRO B 325 1.67 -24.11 -31.70
CA PRO B 325 2.93 -24.21 -32.42
C PRO B 325 3.97 -23.23 -31.89
N LEU B 326 5.22 -23.55 -32.15
CA LEU B 326 6.33 -22.74 -31.67
C LEU B 326 7.28 -22.44 -32.84
N SER B 331 14.80 -16.66 -39.52
CA SER B 331 15.12 -15.27 -39.85
C SER B 331 13.84 -14.51 -40.16
N GLU B 332 13.91 -13.19 -40.14
CA GLU B 332 12.72 -12.38 -40.38
C GLU B 332 12.28 -12.51 -41.83
N LEU B 333 13.21 -12.38 -42.78
CA LEU B 333 12.88 -12.61 -44.18
C LEU B 333 12.72 -14.08 -44.50
N ALA B 334 13.37 -14.98 -43.75
CA ALA B 334 13.22 -16.41 -44.03
C ALA B 334 11.79 -16.85 -43.80
N GLU B 335 11.06 -16.18 -42.88
CA GLU B 335 9.68 -16.54 -42.60
C GLU B 335 8.69 -15.61 -43.28
N ALA B 336 9.17 -14.48 -43.81
CA ALA B 336 8.33 -13.57 -44.59
C ALA B 336 8.27 -13.96 -46.06
N THR B 337 9.25 -14.74 -46.55
CA THR B 337 9.25 -15.19 -47.93
C THR B 337 8.23 -16.30 -48.18
N THR B 338 7.75 -16.96 -47.13
CA THR B 338 6.81 -18.07 -47.28
C THR B 338 5.38 -17.56 -47.30
N GLY B 346 10.26 -27.46 -39.24
CA GLY B 346 9.75 -28.76 -39.61
C GLY B 346 8.59 -29.20 -38.73
N LEU B 347 7.42 -28.65 -38.99
CA LEU B 347 6.21 -28.93 -38.23
C LEU B 347 5.26 -29.78 -39.08
N ALA B 348 4.18 -30.22 -38.44
CA ALA B 348 3.26 -31.15 -39.05
C ALA B 348 2.48 -30.45 -40.17
N PRO B 349 1.75 -31.21 -41.00
CA PRO B 349 0.95 -30.59 -42.07
C PRO B 349 -0.14 -29.65 -41.57
N THR B 350 -0.91 -30.05 -40.55
CA THR B 350 -1.96 -29.19 -40.04
C THR B 350 -1.40 -27.89 -39.50
N ALA B 351 -0.39 -27.97 -38.63
CA ALA B 351 0.22 -26.77 -38.08
C ALA B 351 0.80 -25.87 -39.16
N ALA B 352 1.13 -26.43 -40.33
CA ALA B 352 1.63 -25.62 -41.43
C ALA B 352 0.51 -24.82 -42.09
N ARG B 353 -0.65 -25.46 -42.29
CA ARG B 353 -1.77 -24.77 -42.92
C ARG B 353 -2.32 -23.68 -42.01
N ILE B 354 -2.24 -23.86 -40.69
CA ILE B 354 -2.75 -22.86 -39.76
C ILE B 354 -1.94 -21.58 -39.87
N TYR B 355 -0.61 -21.67 -39.72
CA TYR B 355 0.22 -20.47 -39.79
C TYR B 355 0.01 -19.74 -41.10
N THR B 356 -0.10 -20.47 -42.21
CA THR B 356 -0.34 -19.82 -43.49
C THR B 356 -1.56 -18.92 -43.40
N GLU B 357 -2.66 -19.44 -42.86
CA GLU B 357 -3.86 -18.63 -42.68
C GLU B 357 -3.58 -17.47 -41.73
N ILE B 358 -2.75 -17.69 -40.70
CA ILE B 358 -2.47 -16.62 -39.73
C ILE B 358 -1.89 -15.41 -40.45
N VAL B 359 -0.85 -15.63 -41.25
CA VAL B 359 -0.12 -14.53 -41.88
C VAL B 359 -0.84 -14.05 -43.14
N SER B 360 -1.44 -14.98 -43.89
CA SER B 360 -2.06 -14.61 -45.16
C SER B 360 -3.24 -13.67 -44.96
N ASN B 361 -4.17 -14.04 -44.08
CA ASN B 361 -5.38 -13.24 -43.81
C ASN B 361 -5.57 -13.12 -42.31
N PRO B 362 -4.82 -12.24 -41.66
CA PRO B 362 -5.05 -11.98 -40.24
C PRO B 362 -6.15 -10.97 -40.02
N ASP B 363 -6.90 -11.16 -38.93
CA ASP B 363 -7.90 -10.19 -38.55
C ASP B 363 -7.24 -8.87 -38.14
N SER B 364 -6.01 -8.94 -37.63
CA SER B 364 -5.34 -7.76 -37.11
C SER B 364 -3.84 -8.03 -37.03
N TRP B 365 -3.05 -6.98 -37.18
CA TRP B 365 -1.60 -7.09 -37.21
C TRP B 365 -0.99 -5.89 -36.50
N VAL B 366 -0.21 -6.15 -35.45
CA VAL B 366 0.47 -5.12 -34.69
C VAL B 366 1.96 -5.35 -34.77
N GLU B 367 2.72 -4.28 -35.01
CA GLU B 367 4.17 -4.30 -34.92
C GLU B 367 4.57 -3.29 -33.85
N ILE B 368 5.38 -3.73 -32.87
CA ILE B 368 5.74 -2.92 -31.71
C ILE B 368 7.26 -2.79 -31.65
N VAL B 369 7.76 -1.57 -31.68
CA VAL B 369 9.18 -1.28 -31.47
C VAL B 369 9.31 -0.58 -30.13
N ALA B 370 10.52 -0.56 -29.60
CA ALA B 370 10.78 0.10 -28.33
C ALA B 370 11.86 1.16 -28.50
N SER B 371 11.82 2.15 -27.61
CA SER B 371 12.82 3.20 -27.60
C SER B 371 13.16 3.56 -26.17
N GLN B 372 14.31 4.23 -26.00
CA GLN B 372 14.74 4.72 -24.71
C GLN B 372 15.38 6.09 -24.90
N ARG B 373 15.30 6.92 -23.87
CA ARG B 373 15.91 8.24 -23.90
C ARG B 373 17.24 8.21 -23.15
N HIS B 374 18.22 8.91 -23.69
CA HIS B 374 19.51 9.02 -23.04
C HIS B 374 19.63 10.38 -22.35
N PRO B 375 20.38 10.45 -21.23
CA PRO B 375 20.53 11.72 -20.51
C PRO B 375 20.81 12.93 -21.40
N GLY B 376 21.56 12.72 -22.48
CA GLY B 376 21.98 13.80 -23.35
C GLY B 376 20.92 14.38 -24.28
N GLY B 377 19.68 13.89 -24.26
CA GLY B 377 18.65 14.42 -25.12
C GLY B 377 18.45 13.64 -26.41
N THR B 378 19.14 12.52 -26.58
CA THR B 378 18.97 11.63 -27.73
C THR B 378 18.09 10.44 -27.35
N THR B 379 17.77 9.63 -28.36
CA THR B 379 16.98 8.43 -28.18
C THR B 379 17.52 7.33 -29.09
N THR B 380 17.24 6.09 -28.71
CA THR B 380 17.53 4.92 -29.52
C THR B 380 16.24 4.13 -29.74
N HIS B 381 15.99 3.72 -30.98
CA HIS B 381 14.89 2.83 -31.31
C HIS B 381 15.44 1.46 -31.71
N THR B 382 14.72 0.40 -31.32
CA THR B 382 15.05 -0.91 -31.84
C THR B 382 14.69 -1.00 -33.32
N LYS B 383 15.45 -1.81 -34.05
CA LYS B 383 15.08 -2.15 -35.41
C LYS B 383 14.13 -3.35 -35.43
N ALA B 384 14.41 -4.35 -34.60
CA ALA B 384 13.51 -5.47 -34.42
C ALA B 384 12.19 -5.00 -33.79
N ALA B 385 11.16 -5.82 -33.97
CA ALA B 385 9.85 -5.50 -33.45
C ALA B 385 9.19 -6.76 -32.90
N ALA B 386 8.40 -6.58 -31.85
CA ALA B 386 7.50 -7.62 -31.39
C ALA B 386 6.20 -7.51 -32.17
N GLY B 387 5.58 -8.66 -32.43
CA GLY B 387 4.40 -8.73 -33.28
C GLY B 387 3.23 -9.38 -32.59
N VAL B 388 2.03 -8.91 -32.90
CA VAL B 388 0.79 -9.51 -32.44
C VAL B 388 -0.12 -9.69 -33.64
N LEU B 389 -0.60 -10.92 -33.82
CA LEU B 389 -1.51 -11.26 -34.90
C LEU B 389 -2.76 -11.85 -34.29
N ASP B 390 -3.91 -11.28 -34.63
CA ASP B 390 -5.20 -11.86 -34.31
C ASP B 390 -5.77 -12.46 -35.60
N SER B 391 -6.44 -13.60 -35.47
CA SER B 391 -6.96 -14.30 -36.64
C SER B 391 -8.12 -15.18 -36.20
N ALA B 392 -8.74 -15.84 -37.19
CA ALA B 392 -9.81 -16.79 -36.91
C ALA B 392 -9.32 -17.97 -36.09
N HIS B 393 -8.02 -18.26 -36.13
CA HIS B 393 -7.44 -19.38 -35.42
C HIS B 393 -6.93 -19.00 -34.03
N GLY B 394 -7.02 -17.73 -33.66
CA GLY B 394 -6.54 -17.25 -32.37
C GLY B 394 -5.38 -16.29 -32.51
N ARG B 395 -5.01 -15.71 -31.37
CA ARG B 395 -3.94 -14.73 -31.34
C ARG B 395 -2.58 -15.41 -31.32
N VAL B 396 -1.60 -14.73 -31.93
CA VAL B 396 -0.22 -15.18 -31.97
C VAL B 396 0.67 -13.97 -31.71
N VAL B 397 1.77 -14.19 -30.99
CA VAL B 397 2.72 -13.12 -30.72
C VAL B 397 4.04 -13.47 -31.35
N SER B 398 4.81 -12.44 -31.71
CA SER B 398 6.12 -12.59 -32.32
C SER B 398 7.18 -12.01 -31.39
N LEU B 399 8.16 -12.84 -31.04
CA LEU B 399 9.20 -12.47 -30.08
C LEU B 399 10.52 -12.28 -30.83
N PRO B 400 11.15 -11.11 -30.76
CA PRO B 400 12.40 -10.91 -31.52
C PRO B 400 13.65 -11.35 -30.78
N ARG B 401 14.58 -11.92 -31.54
CA ARG B 401 15.88 -12.35 -31.04
C ARG B 401 16.96 -11.96 -32.04
N ILE B 402 18.06 -11.41 -31.53
CA ILE B 402 19.25 -11.13 -32.33
C ILE B 402 20.29 -12.18 -31.98
N VAL B 403 20.50 -13.14 -32.87
CA VAL B 403 21.46 -14.22 -32.64
C VAL B 403 22.55 -14.12 -33.71
N SER B 404 23.79 -13.97 -33.26
CA SER B 404 24.96 -13.95 -34.13
C SER B 404 24.89 -12.81 -35.15
N GLY B 405 24.11 -11.77 -34.88
CA GLY B 405 24.05 -10.62 -35.75
C GLY B 405 22.90 -10.62 -36.75
N GLU B 406 22.06 -11.65 -36.73
CA GLU B 406 20.93 -11.75 -37.65
C GLU B 406 19.64 -11.66 -36.83
N LEU B 407 18.62 -11.01 -37.40
CA LEU B 407 17.35 -10.83 -36.71
C LEU B 407 16.50 -12.09 -36.87
N TYR B 408 16.11 -12.69 -35.75
CA TYR B 408 15.27 -13.87 -35.73
C TYR B 408 13.90 -13.54 -35.12
N GLY B 409 12.93 -14.39 -35.44
CA GLY B 409 11.58 -14.25 -34.92
C GLY B 409 10.95 -15.58 -34.54
N SER B 410 10.29 -15.63 -33.38
CA SER B 410 9.65 -16.84 -32.90
C SER B 410 8.18 -16.55 -32.66
N PHE B 411 7.31 -17.33 -33.30
CA PHE B 411 5.87 -17.19 -33.13
C PHE B 411 5.41 -18.09 -31.99
N LEU B 412 4.59 -17.53 -31.12
CA LEU B 412 4.12 -18.23 -29.95
C LEU B 412 2.63 -18.01 -29.81
N PRO B 413 1.90 -18.95 -29.21
CA PRO B 413 0.48 -18.71 -28.92
C PRO B 413 0.32 -17.42 -28.12
N GLY B 414 -0.67 -16.63 -28.49
CA GLY B 414 -0.82 -15.29 -27.98
C GLY B 414 -1.42 -15.20 -26.59
N THR B 415 -0.80 -15.87 -25.62
CA THR B 415 -1.23 -15.71 -24.24
C THR B 415 -0.66 -14.42 -23.69
N PRO B 416 -1.30 -13.82 -22.69
CA PRO B 416 -0.71 -12.64 -22.06
C PRO B 416 0.70 -12.88 -21.55
N GLN B 417 1.05 -14.12 -21.20
CA GLN B 417 2.39 -14.42 -20.72
C GLN B 417 3.41 -14.37 -21.85
N ASN B 418 3.09 -14.99 -22.99
CA ASN B 418 3.98 -14.91 -24.15
C ASN B 418 4.08 -13.49 -24.68
N LEU B 419 3.00 -12.72 -24.60
CA LEU B 419 3.06 -11.31 -24.95
C LEU B 419 4.05 -10.57 -24.04
N GLN B 420 3.97 -10.81 -22.73
CA GLN B 420 4.94 -10.22 -21.82
C GLN B 420 6.35 -10.68 -22.13
N LEU B 421 6.51 -11.95 -22.54
CA LEU B 421 7.82 -12.43 -22.98
C LEU B 421 8.28 -11.70 -24.24
N ALA B 422 7.39 -11.56 -25.22
CA ALA B 422 7.74 -10.87 -26.44
C ALA B 422 8.18 -9.44 -26.16
N LEU B 423 7.44 -8.76 -25.27
CA LEU B 423 7.78 -7.38 -24.93
C LEU B 423 9.05 -7.29 -24.09
N ASP B 424 9.26 -8.26 -23.19
CA ASP B 424 10.52 -8.31 -22.44
C ASP B 424 11.70 -8.47 -23.40
N ALA B 425 11.59 -9.42 -24.33
CA ALA B 425 12.66 -9.65 -25.29
C ALA B 425 12.90 -8.41 -26.16
N LEU B 426 11.82 -7.77 -26.62
CA LEU B 426 11.96 -6.53 -27.38
C LEU B 426 12.74 -5.49 -26.60
N VAL B 427 12.36 -5.26 -25.34
CA VAL B 427 12.99 -4.23 -24.54
C VAL B 427 14.44 -4.57 -24.25
N GLU B 428 14.77 -5.85 -24.09
CA GLU B 428 16.16 -6.25 -23.85
C GLU B 428 17.06 -5.89 -25.03
N LEU B 429 16.50 -5.52 -26.18
CA LEU B 429 17.31 -5.06 -27.30
C LEU B 429 17.65 -3.58 -27.20
N LEU B 430 17.18 -2.89 -26.17
CA LEU B 430 17.58 -1.50 -25.97
C LEU B 430 18.91 -1.44 -25.24
N PRO B 431 19.72 -0.40 -25.47
CA PRO B 431 21.02 -0.30 -24.79
C PRO B 431 20.95 -0.58 -23.31
N ALA B 432 19.91 -0.07 -22.63
CA ALA B 432 19.75 -0.32 -21.21
C ALA B 432 19.27 -1.73 -20.92
N GLY B 433 18.77 -2.44 -21.92
CA GLY B 433 18.36 -3.82 -21.76
C GLY B 433 17.21 -4.01 -20.79
N SER B 434 16.51 -2.94 -20.44
CA SER B 434 15.43 -3.06 -19.47
C SER B 434 14.45 -1.90 -19.61
N TRP B 435 13.26 -2.11 -19.07
CA TRP B 435 12.24 -1.08 -19.06
C TRP B 435 12.44 -0.07 -17.93
N LEU B 436 13.09 -0.46 -16.84
CA LEU B 436 13.26 0.45 -15.70
C LEU B 436 14.67 1.04 -15.65
CL CL C . 6.33 -25.76 8.91
CL CL D . -17.91 -22.69 7.37
CL CL E . -24.20 -10.45 10.22
CL CL F . -1.02 -18.47 14.29
CL CL G . 17.76 12.59 32.02
CL CL H . -4.64 3.39 1.15
CL CL I . 0.85 0.40 -9.39
CL CL J . 17.14 -3.89 -32.79
CL CL K . -14.46 15.37 -13.23
CL CL L . -29.93 12.01 -0.24
#